data_9HI6
#
_entry.id   9HI6
#
_cell.length_a   71.213
_cell.length_b   47.869
_cell.length_c   107.093
_cell.angle_alpha   90.000
_cell.angle_beta   106.130
_cell.angle_gamma   90.000
#
_symmetry.space_group_name_H-M   'P 1 21 1'
#
loop_
_entity.id
_entity.type
_entity.pdbx_description
1 polymer 'FI6 Fab Heavy Chain'
2 polymer 'FI6-Fab Light Chain'
3 polymer 'FI6-focused design_04'
4 non-polymer 'CITRIC ACID'
5 non-polymer DI(HYDROXYETHYL)ETHER
6 water water
#
loop_
_entity_poly.entity_id
_entity_poly.type
_entity_poly.pdbx_seq_one_letter_code
_entity_poly.pdbx_strand_id
1 'polypeptide(L)'
;QVQLVESGGGVVQPGRSLRLSCAASGFTFSTYAMHWVRQAPGKGLEWVAVISYDANYKYYADSVKGRFTISRDNSKNTLY
LQMNSLRAEDTAVYYCAKDSQLRSLLYFEWLSQGYFDYWGQGTLVTVSSASTKGPSVFPLAPSSKSTSGGTAALGCLVKD
YFPEPVTVSWNSGALTSGVHTFPAVLQSSGLYSLSSVVTVPSSSLGTQTYICNVNHKPSNTKVDKKVEPKSCDKG
;
H
2 'polypeptide(L)'
;DIVMTQSPDSLAVSLGERATINCKSSQSVTFNYKNYLAWYQQKPGQPPKLLIYWASTRESGVPDRFSGSGSGTDFTLTIS
SLQAEDVAVYYCQQHYRTPPTFGQGTVEIKRTVAAPSVFIFPPSDEQLKSGTASVVCLLNNFYPREAKVQWKVDNALQSG
NSQESVTEQDSKDSTYSLSSTLTLSKADYEKHKVYACEVTHQGLSSPVTKSFNRGEC
;
L
3 'polypeptide(L)'
;GSDAEKQDPANKKRYAEANKELVRKGKQKNRVVFMGNSITEGWVANDPAFFEDNGYVGRGISGQTSSHMLERFEEDVIKL
KPAVVVIMAGTNDIAENAGPYNEEQTFGNIVKMVELARAAKIKVILTSVLPHAAAPWNESQKEATQAIINLNTRIINYAI
ENKIPFVDYFVEMAQSPNGDLNSSYTRDGVHPNLEGYKVMEALIKKAIDKVLLEHHHHHH
;
A
#
# COMPACT_ATOMS: atom_id res chain seq x y z
N GLN A 1 -11.41 -13.84 -10.39
CA GLN A 1 -10.27 -13.42 -9.58
C GLN A 1 -10.66 -12.23 -8.69
N VAL A 2 -9.82 -11.91 -7.72
CA VAL A 2 -10.02 -10.67 -6.98
C VAL A 2 -10.04 -9.51 -7.95
N GLN A 3 -11.05 -8.65 -7.85
CA GLN A 3 -11.14 -7.47 -8.68
C GLN A 3 -11.56 -6.31 -7.82
N LEU A 4 -10.94 -5.15 -8.07
CA LEU A 4 -11.32 -3.90 -7.43
C LEU A 4 -11.55 -2.87 -8.51
N VAL A 5 -12.79 -2.40 -8.66
CA VAL A 5 -13.16 -1.56 -9.80
C VAL A 5 -13.50 -0.19 -9.26
N GLU A 6 -12.66 0.81 -9.55
CA GLU A 6 -12.91 2.15 -9.04
C GLU A 6 -13.74 2.99 -10.00
N SER A 7 -14.41 3.98 -9.42
CA SER A 7 -15.20 4.93 -10.20
C SER A 7 -15.32 6.22 -9.39
N GLY A 8 -15.72 7.28 -10.08
CA GLY A 8 -16.06 8.53 -9.44
C GLY A 8 -15.03 9.63 -9.57
N GLY A 9 -13.88 9.36 -10.19
CA GLY A 9 -12.92 10.42 -10.39
C GLY A 9 -13.44 11.48 -11.36
N GLY A 10 -12.71 12.58 -11.41
CA GLY A 10 -13.00 13.63 -12.37
C GLY A 10 -12.38 14.93 -11.85
N VAL A 11 -12.91 16.05 -12.36
CA VAL A 11 -12.42 17.38 -12.03
C VAL A 11 -13.22 17.95 -10.88
N VAL A 12 -12.52 18.64 -9.97
CA VAL A 12 -13.10 19.24 -8.76
C VAL A 12 -12.52 20.62 -8.62
N GLN A 13 -13.37 21.64 -8.39
CA GLN A 13 -12.86 22.96 -8.11
CA GLN A 13 -12.87 22.97 -8.10
C GLN A 13 -12.24 22.99 -6.71
N PRO A 14 -11.16 23.74 -6.51
CA PRO A 14 -10.55 23.78 -5.18
C PRO A 14 -11.58 24.18 -4.14
N GLY A 15 -11.56 23.47 -3.02
CA GLY A 15 -12.47 23.69 -1.92
C GLY A 15 -13.71 22.82 -1.97
N ARG A 16 -14.01 22.22 -3.12
CA ARG A 16 -15.19 21.40 -3.24
C ARG A 16 -14.83 19.95 -2.96
N SER A 17 -15.80 19.05 -3.17
CA SER A 17 -15.68 17.68 -2.69
C SER A 17 -15.94 16.67 -3.80
N LEU A 18 -15.59 15.43 -3.49
CA LEU A 18 -15.80 14.35 -4.44
C LEU A 18 -15.78 13.04 -3.68
N ARG A 19 -16.64 12.10 -4.06
CA ARG A 19 -16.63 10.76 -3.48
C ARG A 19 -16.19 9.74 -4.51
N LEU A 20 -15.23 8.92 -4.12
CA LEU A 20 -14.76 7.80 -4.92
C LEU A 20 -15.37 6.51 -4.41
N SER A 21 -15.52 5.56 -5.31
CA SER A 21 -16.06 4.23 -5.03
C SER A 21 -15.09 3.18 -5.53
N CYS A 22 -15.04 2.05 -4.83
CA CYS A 22 -14.22 0.92 -5.25
C CYS A 22 -15.03 -0.34 -5.02
N ALA A 23 -15.49 -0.98 -6.10
CA ALA A 23 -16.36 -2.15 -6.00
C ALA A 23 -15.49 -3.40 -6.04
N ALA A 24 -15.60 -4.22 -5.00
CA ALA A 24 -14.79 -5.40 -4.82
C ALA A 24 -15.57 -6.66 -5.16
N SER A 25 -14.85 -7.65 -5.69
CA SER A 25 -15.44 -8.96 -5.97
C SER A 25 -14.35 -10.01 -5.93
N GLY A 26 -14.75 -11.27 -5.79
CA GLY A 26 -13.78 -12.34 -5.88
C GLY A 26 -13.07 -12.72 -4.60
N PHE A 27 -13.46 -12.15 -3.47
CA PHE A 27 -12.95 -12.52 -2.17
C PHE A 27 -13.98 -12.04 -1.16
N THR A 28 -13.81 -12.48 0.10
CA THR A 28 -14.75 -12.09 1.16
C THR A 28 -14.35 -10.70 1.69
N PHE A 29 -14.82 -9.68 0.98
CA PHE A 29 -14.53 -8.28 1.27
C PHE A 29 -14.74 -7.94 2.73
N SER A 30 -15.83 -8.45 3.31
CA SER A 30 -16.17 -8.05 4.67
C SER A 30 -15.22 -8.57 5.73
N THR A 31 -14.22 -9.39 5.38
CA THR A 31 -13.27 -9.83 6.41
C THR A 31 -11.90 -9.18 6.27
N TYR A 32 -11.76 -8.14 5.44
CA TYR A 32 -10.46 -7.52 5.23
C TYR A 32 -10.52 -6.02 5.45
N ALA A 33 -9.48 -5.48 6.08
CA ALA A 33 -9.24 -4.05 6.01
C ALA A 33 -9.01 -3.65 4.56
N MET A 34 -9.35 -2.40 4.26
CA MET A 34 -9.18 -1.84 2.92
C MET A 34 -8.51 -0.49 3.00
N HIS A 35 -7.71 -0.18 1.98
CA HIS A 35 -6.92 1.06 1.97
C HIS A 35 -7.23 1.91 0.75
N TRP A 36 -6.96 3.20 0.89
CA TRP A 36 -6.76 4.11 -0.26
C TRP A 36 -5.31 4.58 -0.30
N VAL A 37 -4.77 4.68 -1.52
CA VAL A 37 -3.39 5.06 -1.80
C VAL A 37 -3.46 5.98 -2.99
N ARG A 38 -2.61 7.00 -3.05
CA ARG A 38 -2.68 7.91 -4.19
C ARG A 38 -1.31 8.19 -4.76
N GLN A 39 -1.30 8.64 -6.02
CA GLN A 39 -0.06 8.91 -6.75
C GLN A 39 -0.22 10.20 -7.53
N ALA A 40 0.45 11.26 -7.07
CA ALA A 40 0.44 12.49 -7.82
C ALA A 40 1.20 12.29 -9.13
N PRO A 41 0.84 13.02 -10.19
CA PRO A 41 1.49 12.82 -11.50
C PRO A 41 3.01 12.85 -11.45
N GLY A 42 3.63 11.80 -11.97
CA GLY A 42 5.06 11.69 -12.00
C GLY A 42 5.73 11.41 -10.67
N LYS A 43 4.98 11.24 -9.58
CA LYS A 43 5.56 11.01 -8.27
C LYS A 43 5.21 9.62 -7.74
N GLY A 44 5.55 9.38 -6.48
CA GLY A 44 5.45 8.06 -5.89
C GLY A 44 4.12 7.81 -5.21
N LEU A 45 4.08 6.76 -4.41
CA LEU A 45 2.85 6.32 -3.78
C LEU A 45 2.74 6.87 -2.37
N GLU A 46 1.58 7.43 -2.05
CA GLU A 46 1.26 7.95 -0.71
C GLU A 46 0.03 7.22 -0.18
N TRP A 47 0.18 6.52 0.93
CA TRP A 47 -0.97 5.92 1.58
C TRP A 47 -1.89 7.01 2.13
N VAL A 48 -3.19 6.81 1.99
CA VAL A 48 -4.18 7.84 2.30
C VAL A 48 -5.00 7.48 3.54
N ALA A 49 -5.49 6.25 3.62
CA ALA A 49 -6.45 5.91 4.68
C ALA A 49 -6.68 4.40 4.70
N VAL A 50 -7.11 3.91 5.88
CA VAL A 50 -7.49 2.51 6.07
C VAL A 50 -8.80 2.45 6.84
N ILE A 51 -9.61 1.43 6.54
CA ILE A 51 -10.78 1.12 7.34
C ILE A 51 -10.75 -0.37 7.70
N SER A 52 -11.00 -0.67 8.98
CA SER A 52 -11.02 -2.05 9.41
C SER A 52 -12.16 -2.83 8.75
N TYR A 53 -12.06 -4.17 8.84
CA TYR A 53 -13.02 -5.02 8.15
C TYR A 53 -14.45 -4.73 8.56
N ASP A 54 -14.68 -4.41 9.84
CA ASP A 54 -16.01 -4.17 10.39
C ASP A 54 -16.38 -2.70 10.45
N ALA A 55 -15.56 -1.83 9.86
CA ALA A 55 -15.72 -0.37 9.86
C ALA A 55 -15.61 0.25 11.25
N ASN A 56 -15.20 -0.51 12.27
CA ASN A 56 -15.06 0.10 13.60
C ASN A 56 -13.92 1.12 13.66
N TYR A 57 -12.88 0.97 12.83
CA TYR A 57 -11.71 1.82 12.95
C TYR A 57 -11.37 2.41 11.60
N LYS A 58 -11.03 3.69 11.60
CA LYS A 58 -10.64 4.42 10.40
C LYS A 58 -9.44 5.28 10.75
N TYR A 59 -8.40 5.24 9.92
CA TYR A 59 -7.24 6.09 10.14
C TYR A 59 -6.82 6.71 8.82
N TYR A 60 -6.12 7.85 8.94
CA TYR A 60 -5.85 8.75 7.82
C TYR A 60 -4.40 9.22 7.84
N ALA A 61 -3.87 9.46 6.65
CA ALA A 61 -2.59 10.13 6.51
C ALA A 61 -2.74 11.55 7.04
N ASP A 62 -1.66 12.06 7.64
CA ASP A 62 -1.71 13.41 8.20
C ASP A 62 -2.12 14.43 7.13
N SER A 63 -1.75 14.19 5.87
CA SER A 63 -2.03 15.13 4.81
C SER A 63 -3.51 15.26 4.50
N VAL A 64 -4.34 14.31 4.91
CA VAL A 64 -5.78 14.38 4.60
C VAL A 64 -6.65 14.35 5.84
N LYS A 65 -6.07 14.19 7.02
CA LYS A 65 -6.86 14.13 8.25
C LYS A 65 -7.65 15.42 8.42
N GLY A 66 -8.93 15.29 8.75
CA GLY A 66 -9.79 16.43 8.88
C GLY A 66 -10.55 16.76 7.63
N ARG A 67 -10.13 16.24 6.48
CA ARG A 67 -10.79 16.52 5.22
C ARG A 67 -11.41 15.31 4.57
N PHE A 68 -10.82 14.12 4.72
CA PHE A 68 -11.30 12.91 4.07
C PHE A 68 -11.98 12.00 5.06
N THR A 69 -12.97 11.24 4.57
CA THR A 69 -13.68 10.25 5.37
C THR A 69 -13.73 8.95 4.56
N ILE A 70 -13.24 7.87 5.13
CA ILE A 70 -13.32 6.55 4.49
C ILE A 70 -14.53 5.82 5.04
N SER A 71 -15.18 5.03 4.19
CA SER A 71 -16.34 4.27 4.62
C SER A 71 -16.43 3.03 3.75
N ARG A 72 -17.26 2.08 4.18
CA ARG A 72 -17.47 0.88 3.38
C ARG A 72 -18.90 0.40 3.56
N ASP A 73 -19.37 -0.32 2.55
CA ASP A 73 -20.68 -0.94 2.59
C ASP A 73 -20.41 -2.42 2.37
N ASN A 74 -20.38 -3.19 3.47
CA ASN A 74 -20.09 -4.61 3.31
C ASN A 74 -21.21 -5.35 2.62
N SER A 75 -22.44 -4.84 2.66
CA SER A 75 -23.52 -5.53 1.95
C SER A 75 -23.37 -5.39 0.44
N LYS A 76 -22.72 -4.33 -0.03
CA LYS A 76 -22.48 -4.13 -1.45
C LYS A 76 -21.03 -4.37 -1.82
N ASN A 77 -20.22 -4.82 -0.88
CA ASN A 77 -18.78 -5.07 -1.10
C ASN A 77 -18.10 -3.86 -1.75
N THR A 78 -18.39 -2.66 -1.25
CA THR A 78 -17.86 -1.45 -1.86
C THR A 78 -17.18 -0.59 -0.81
N LEU A 79 -16.07 -0.02 -1.20
CA LEU A 79 -15.29 0.91 -0.39
C LEU A 79 -15.48 2.32 -0.93
N TYR A 80 -15.48 3.32 -0.06
CA TYR A 80 -15.69 4.71 -0.48
C TYR A 80 -14.63 5.62 0.12
N LEU A 81 -14.36 6.72 -0.56
CA LEU A 81 -13.56 7.80 0.01
C LEU A 81 -14.28 9.12 -0.28
N GLN A 82 -14.74 9.77 0.79
CA GLN A 82 -15.32 11.11 0.67
C GLN A 82 -14.22 12.14 0.88
N MET A 83 -13.95 12.94 -0.15
CA MET A 83 -12.88 13.93 -0.10
C MET A 83 -13.46 15.33 -0.03
N ASN A 84 -13.28 15.98 1.10
CA ASN A 84 -13.78 17.33 1.28
C ASN A 84 -12.64 18.32 1.19
N SER A 85 -13.00 19.55 0.84
CA SER A 85 -12.07 20.68 0.82
CA SER A 85 -12.06 20.68 0.82
C SER A 85 -10.81 20.33 0.03
N LEU A 86 -11.02 19.88 -1.20
CA LEU A 86 -9.91 19.42 -2.02
C LEU A 86 -9.03 20.60 -2.46
N ARG A 87 -7.72 20.30 -2.56
CA ARG A 87 -6.68 21.27 -2.87
C ARG A 87 -5.93 20.80 -4.11
N ALA A 88 -5.24 21.75 -4.76
CA ALA A 88 -4.45 21.40 -5.95
C ALA A 88 -3.54 20.21 -5.69
N GLU A 89 -2.94 20.15 -4.48
CA GLU A 89 -1.98 19.12 -4.16
C GLU A 89 -2.60 17.76 -3.94
N ASP A 90 -3.93 17.67 -3.92
CA ASP A 90 -4.63 16.40 -3.91
C ASP A 90 -4.82 15.79 -5.30
N THR A 91 -4.43 16.50 -6.36
CA THR A 91 -4.52 15.94 -7.70
C THR A 91 -3.67 14.68 -7.78
N ALA A 92 -4.26 13.56 -8.22
CA ALA A 92 -3.54 12.29 -8.15
C ALA A 92 -4.42 11.23 -8.77
N VAL A 93 -3.80 10.11 -9.13
CA VAL A 93 -4.57 8.89 -9.34
C VAL A 93 -4.76 8.23 -7.98
N TYR A 94 -6.00 7.91 -7.64
CA TYR A 94 -6.38 7.28 -6.39
C TYR A 94 -6.64 5.79 -6.61
N TYR A 95 -6.00 4.97 -5.80
CA TYR A 95 -6.12 3.50 -5.84
C TYR A 95 -6.78 3.01 -4.58
N CYS A 96 -7.70 2.05 -4.71
CA CYS A 96 -8.02 1.25 -3.55
C CYS A 96 -7.12 0.02 -3.53
N ALA A 97 -6.94 -0.52 -2.34
CA ALA A 97 -6.10 -1.71 -2.21
C ALA A 97 -6.59 -2.57 -1.05
N LYS A 98 -6.57 -3.88 -1.26
CA LYS A 98 -6.94 -4.86 -0.24
C LYS A 98 -5.78 -5.14 0.71
N ASP A 99 -6.06 -5.17 2.02
CA ASP A 99 -5.09 -5.60 3.00
C ASP A 99 -4.92 -7.11 2.98
N SER A 100 -3.68 -7.57 3.15
CA SER A 100 -3.43 -9.02 3.13
C SER A 100 -3.93 -9.74 4.39
N GLN A 101 -4.13 -9.05 5.51
CA GLN A 101 -4.37 -9.76 6.78
C GLN A 101 -5.85 -10.02 7.00
N LEU A 102 -6.16 -11.23 7.45
CA LEU A 102 -7.54 -11.59 7.77
C LEU A 102 -7.97 -10.95 9.09
N ARG A 103 -9.00 -10.10 9.02
CA ARG A 103 -9.66 -9.51 10.21
C ARG A 103 -8.65 -8.86 11.15
N SER A 104 -7.82 -7.97 10.61
CA SER A 104 -6.87 -7.32 11.50
C SER A 104 -7.60 -6.43 12.50
N LEU A 105 -7.00 -6.31 13.68
CA LEU A 105 -7.58 -5.61 14.83
C LEU A 105 -6.94 -4.24 14.93
N LEU A 106 -7.59 -3.23 14.36
CA LEU A 106 -6.91 -1.95 14.17
C LEU A 106 -7.22 -1.02 15.33
N TYR A 107 -6.86 -1.51 16.53
CA TYR A 107 -7.30 -0.83 17.75
CA TYR A 107 -7.24 -0.87 17.80
C TYR A 107 -6.60 0.49 17.98
N PHE A 108 -5.40 0.68 17.39
CA PHE A 108 -4.66 1.93 17.49
C PHE A 108 -4.15 2.31 16.10
N GLU A 109 -3.83 3.60 15.95
CA GLU A 109 -3.53 4.14 14.61
C GLU A 109 -2.26 3.55 14.00
N TRP A 110 -1.25 3.29 14.82
CA TRP A 110 0.11 3.07 14.32
C TRP A 110 0.42 1.61 14.01
N LEU A 111 -0.50 0.69 14.33
CA LEU A 111 -0.28 -0.75 14.24
C LEU A 111 0.17 -1.16 12.83
N SER A 112 0.85 -2.30 12.77
CA SER A 112 1.19 -2.88 11.49
C SER A 112 -0.05 -3.11 10.64
N GLN A 113 0.12 -2.95 9.33
CA GLN A 113 -0.91 -3.34 8.38
C GLN A 113 -0.46 -4.60 7.68
N GLY A 114 -1.28 -5.07 6.73
CA GLY A 114 -0.79 -6.10 5.83
C GLY A 114 -0.03 -5.49 4.67
N TYR A 115 0.48 -6.36 3.80
CA TYR A 115 0.88 -5.88 2.48
C TYR A 115 -0.39 -5.74 1.65
N PHE A 116 -0.27 -5.14 0.47
CA PHE A 116 -1.45 -4.77 -0.31
C PHE A 116 -1.52 -5.71 -1.50
N ASP A 117 -2.30 -6.79 -1.36
CA ASP A 117 -2.16 -7.89 -2.28
C ASP A 117 -2.87 -7.65 -3.61
N TYR A 118 -3.92 -6.81 -3.62
CA TYR A 118 -4.66 -6.47 -4.84
C TYR A 118 -5.02 -5.00 -4.86
N TRP A 119 -5.02 -4.43 -6.05
CA TRP A 119 -5.19 -2.99 -6.25
C TRP A 119 -6.25 -2.72 -7.30
N GLY A 120 -6.99 -1.63 -7.10
CA GLY A 120 -7.91 -1.16 -8.14
C GLY A 120 -7.16 -0.55 -9.31
N GLN A 121 -7.89 -0.24 -10.40
CA GLN A 121 -7.22 0.24 -11.60
C GLN A 121 -6.80 1.70 -11.54
N GLY A 122 -7.25 2.45 -10.54
CA GLY A 122 -6.92 3.85 -10.44
C GLY A 122 -8.00 4.72 -11.04
N THR A 123 -8.26 5.85 -10.39
CA THR A 123 -9.16 6.87 -10.92
C THR A 123 -8.51 8.23 -10.69
N LEU A 124 -8.47 9.04 -11.76
CA LEU A 124 -7.78 10.32 -11.72
C LEU A 124 -8.68 11.40 -11.14
N VAL A 125 -8.17 12.12 -10.14
CA VAL A 125 -8.87 13.24 -9.54
C VAL A 125 -8.02 14.46 -9.83
N THR A 126 -8.58 15.45 -10.51
CA THR A 126 -7.84 16.67 -10.88
C THR A 126 -8.50 17.84 -10.17
N VAL A 127 -7.73 18.51 -9.31
CA VAL A 127 -8.28 19.62 -8.52
C VAL A 127 -7.77 20.92 -9.10
N SER A 128 -8.65 21.67 -9.74
CA SER A 128 -8.26 22.85 -10.51
C SER A 128 -9.49 23.68 -10.80
N SER A 129 -9.27 24.97 -10.99
CA SER A 129 -10.33 25.88 -11.39
C SER A 129 -10.47 25.97 -12.91
N ALA A 130 -9.65 25.24 -13.66
CA ALA A 130 -9.69 25.33 -15.11
C ALA A 130 -10.98 24.73 -15.64
N SER A 131 -11.46 25.26 -16.76
CA SER A 131 -12.64 24.70 -17.40
C SER A 131 -12.21 23.71 -18.46
N THR A 132 -13.01 22.65 -18.63
CA THR A 132 -12.75 21.66 -19.66
C THR A 132 -12.58 22.31 -21.02
N LYS A 133 -11.47 21.99 -21.70
CA LYS A 133 -11.14 22.57 -22.99
C LYS A 133 -10.48 21.51 -23.84
N GLY A 134 -10.97 21.32 -25.06
CA GLY A 134 -10.35 20.36 -25.95
C GLY A 134 -9.05 20.90 -26.48
N PRO A 135 -8.16 19.99 -26.91
CA PRO A 135 -6.87 20.43 -27.44
C PRO A 135 -6.99 21.08 -28.81
N SER A 136 -6.09 22.02 -29.06
CA SER A 136 -5.77 22.44 -30.41
C SER A 136 -4.62 21.56 -30.89
N VAL A 137 -4.72 21.01 -32.10
CA VAL A 137 -3.75 20.06 -32.61
C VAL A 137 -3.05 20.71 -33.80
N PHE A 138 -1.76 20.94 -33.67
CA PHE A 138 -1.00 21.59 -34.72
C PHE A 138 0.02 20.63 -35.31
N PRO A 139 0.28 20.70 -36.60
CA PRO A 139 1.24 19.77 -37.20
C PRO A 139 2.66 20.21 -36.88
N LEU A 140 3.52 19.22 -36.63
CA LEU A 140 4.97 19.39 -36.65
C LEU A 140 5.44 18.82 -37.97
N ALA A 141 5.61 19.69 -38.96
CA ALA A 141 5.75 19.22 -40.33
C ALA A 141 7.17 18.73 -40.59
N PRO A 142 7.33 17.70 -41.41
CA PRO A 142 8.68 17.24 -41.73
C PRO A 142 9.40 18.29 -42.56
N SER A 143 10.67 18.53 -42.24
CA SER A 143 11.47 19.56 -42.89
C SER A 143 11.47 19.40 -44.40
N GLY A 150 18.70 9.22 -43.45
CA GLY A 150 17.69 9.34 -44.48
C GLY A 150 16.29 9.30 -43.89
N THR A 151 16.18 9.82 -42.66
CA THR A 151 14.97 9.71 -41.87
C THR A 151 14.42 11.09 -41.61
N ALA A 152 13.09 11.22 -41.65
CA ALA A 152 12.42 12.48 -41.36
C ALA A 152 11.60 12.32 -40.10
N ALA A 153 11.52 13.38 -39.33
CA ALA A 153 10.70 13.42 -38.13
C ALA A 153 9.49 14.29 -38.38
N LEU A 154 8.35 13.87 -37.85
CA LEU A 154 7.13 14.65 -37.97
C LEU A 154 6.30 14.40 -36.71
N GLY A 155 5.26 15.20 -36.52
CA GLY A 155 4.50 15.02 -35.29
C GLY A 155 3.31 15.95 -35.20
N CYS A 156 2.69 15.88 -34.04
CA CYS A 156 1.53 16.70 -33.71
C CYS A 156 1.78 17.35 -32.37
N LEU A 157 1.50 18.64 -32.29
CA LEU A 157 1.53 19.39 -31.04
C LEU A 157 0.10 19.44 -30.54
N VAL A 158 -0.14 18.90 -29.36
CA VAL A 158 -1.47 18.74 -28.78
C VAL A 158 -1.55 19.71 -27.63
N LYS A 159 -2.14 20.89 -27.86
CA LYS A 159 -1.89 22.03 -27.00
C LYS A 159 -3.14 22.53 -26.30
N ASP A 160 -2.99 22.91 -25.04
CA ASP A 160 -3.99 23.68 -24.30
C ASP A 160 -5.29 22.92 -24.09
N TYR A 161 -5.22 21.75 -23.46
CA TYR A 161 -6.40 20.98 -23.12
C TYR A 161 -6.49 20.79 -21.61
N PHE A 162 -7.68 20.40 -21.16
CA PHE A 162 -7.90 20.14 -19.74
C PHE A 162 -9.14 19.28 -19.59
N PRO A 163 -9.15 18.27 -18.72
CA PRO A 163 -8.06 17.78 -17.88
C PRO A 163 -7.29 16.74 -18.66
N GLU A 164 -6.34 16.06 -18.01
CA GLU A 164 -5.80 14.81 -18.55
C GLU A 164 -6.93 13.78 -18.59
N PRO A 165 -6.83 12.76 -19.46
CA PRO A 165 -5.74 12.47 -20.38
C PRO A 165 -6.14 12.67 -21.83
N VAL A 166 -5.17 12.62 -22.74
CA VAL A 166 -5.43 12.49 -24.17
C VAL A 166 -4.75 11.21 -24.65
N THR A 167 -5.28 10.63 -25.73
CA THR A 167 -4.65 9.52 -26.41
C THR A 167 -4.27 9.97 -27.81
N VAL A 168 -3.15 9.48 -28.31
CA VAL A 168 -2.68 9.80 -29.65
C VAL A 168 -2.28 8.51 -30.35
N SER A 169 -2.85 8.28 -31.52
CA SER A 169 -2.40 7.24 -32.43
C SER A 169 -1.98 7.88 -33.75
N TRP A 170 -1.37 7.07 -34.60
CA TRP A 170 -0.94 7.49 -35.94
C TRP A 170 -1.55 6.56 -36.96
N ASN A 171 -2.17 7.14 -37.99
CA ASN A 171 -2.80 6.38 -39.07
C ASN A 171 -3.73 5.30 -38.54
N SER A 172 -4.54 5.69 -37.55
CA SER A 172 -5.55 4.82 -36.93
C SER A 172 -4.93 3.55 -36.33
N GLY A 173 -3.73 3.69 -35.78
CA GLY A 173 -3.05 2.58 -35.16
C GLY A 173 -2.18 1.75 -36.09
N ALA A 174 -2.21 2.01 -37.39
CA ALA A 174 -1.40 1.22 -38.31
C ALA A 174 0.08 1.56 -38.23
N LEU A 175 0.41 2.77 -37.73
CA LEU A 175 1.78 3.24 -37.57
C LEU A 175 2.11 3.24 -36.09
N THR A 176 3.02 2.35 -35.69
CA THR A 176 3.44 2.25 -34.29
C THR A 176 4.96 2.34 -34.16
N SER A 177 5.69 1.84 -35.16
CA SER A 177 7.15 1.85 -35.07
C SER A 177 7.69 3.27 -35.07
N GLY A 178 8.54 3.59 -34.10
CA GLY A 178 9.18 4.87 -34.03
C GLY A 178 8.34 6.00 -33.47
N VAL A 179 7.13 5.71 -32.97
CA VAL A 179 6.29 6.75 -32.37
C VAL A 179 6.77 7.02 -30.95
N HIS A 180 6.83 8.31 -30.59
CA HIS A 180 7.11 8.73 -29.21
C HIS A 180 6.08 9.78 -28.83
N THR A 181 5.25 9.47 -27.85
CA THR A 181 4.25 10.40 -27.36
C THR A 181 4.69 10.86 -25.99
N PHE A 182 4.98 12.14 -25.86
CA PHE A 182 5.60 12.62 -24.64
C PHE A 182 4.56 12.81 -23.53
N PRO A 183 4.98 12.63 -22.27
CA PRO A 183 4.09 12.97 -21.16
C PRO A 183 3.65 14.42 -21.23
N ALA A 184 2.41 14.66 -20.83
CA ALA A 184 1.90 16.02 -20.81
C ALA A 184 2.62 16.87 -19.76
N VAL A 185 2.70 18.17 -20.03
CA VAL A 185 3.17 19.16 -19.07
C VAL A 185 2.00 20.07 -18.72
N LEU A 186 1.84 20.34 -17.42
CA LEU A 186 0.85 21.31 -16.95
C LEU A 186 1.41 22.71 -17.11
N GLN A 187 0.75 23.53 -17.92
CA GLN A 187 1.23 24.86 -18.20
C GLN A 187 0.77 25.83 -17.10
N SER A 188 1.38 27.02 -17.07
CA SER A 188 1.01 27.99 -16.06
C SER A 188 -0.43 28.45 -16.22
N SER A 189 -0.99 28.30 -17.43
CA SER A 189 -2.39 28.62 -17.69
C SER A 189 -3.35 27.69 -16.97
N GLY A 190 -2.86 26.56 -16.45
CA GLY A 190 -3.73 25.52 -15.94
C GLY A 190 -4.11 24.49 -16.98
N LEU A 191 -3.71 24.67 -18.23
CA LEU A 191 -3.94 23.72 -19.30
C LEU A 191 -2.71 22.86 -19.55
N TYR A 192 -2.94 21.69 -20.15
CA TYR A 192 -1.90 20.72 -20.46
C TYR A 192 -1.51 20.82 -21.93
N SER A 193 -0.30 20.34 -22.23
CA SER A 193 0.19 20.26 -23.60
C SER A 193 1.17 19.10 -23.70
N LEU A 194 1.22 18.50 -24.88
CA LEU A 194 2.24 17.48 -25.16
C LEU A 194 2.43 17.44 -26.66
N SER A 195 3.48 16.77 -27.08
CA SER A 195 3.66 16.46 -28.50
C SER A 195 3.77 14.95 -28.70
N SER A 196 3.40 14.52 -29.89
CA SER A 196 3.62 13.15 -30.32
C SER A 196 4.41 13.21 -31.62
N VAL A 197 5.49 12.44 -31.72
CA VAL A 197 6.33 12.48 -32.91
C VAL A 197 6.53 11.06 -33.43
N VAL A 198 6.97 10.99 -34.68
CA VAL A 198 7.35 9.72 -35.29
C VAL A 198 8.42 10.00 -36.33
N THR A 199 9.36 9.06 -36.49
CA THR A 199 10.36 9.17 -37.55
C THR A 199 10.06 8.16 -38.65
N VAL A 200 10.28 8.56 -39.90
CA VAL A 200 9.96 7.73 -41.06
C VAL A 200 11.03 7.95 -42.12
N PRO A 201 11.18 7.03 -43.06
CA PRO A 201 12.09 7.29 -44.18
C PRO A 201 11.68 8.55 -44.92
N SER A 202 12.67 9.37 -45.25
CA SER A 202 12.37 10.63 -45.92
C SER A 202 11.78 10.40 -47.31
N SER A 203 12.17 9.31 -47.97
CA SER A 203 11.62 9.00 -49.28
C SER A 203 10.14 8.67 -49.22
N SER A 204 9.61 8.34 -48.04
CA SER A 204 8.21 8.00 -47.89
C SER A 204 7.30 9.23 -47.83
N LEU A 205 7.87 10.44 -47.65
CA LEU A 205 7.05 11.62 -47.41
C LEU A 205 6.18 11.97 -48.60
N GLY A 206 6.63 11.63 -49.81
CA GLY A 206 5.80 11.90 -50.98
C GLY A 206 4.71 10.88 -51.17
N THR A 207 4.95 9.63 -50.79
CA THR A 207 4.06 8.53 -51.12
C THR A 207 3.14 8.13 -49.98
N GLN A 208 3.39 8.59 -48.75
CA GLN A 208 2.64 8.16 -47.57
C GLN A 208 1.96 9.35 -46.92
N THR A 209 0.75 9.11 -46.41
CA THR A 209 0.00 10.10 -45.66
C THR A 209 0.10 9.79 -44.18
N TYR A 210 0.42 10.80 -43.38
CA TYR A 210 0.56 10.62 -41.95
C TYR A 210 -0.49 11.45 -41.23
N ILE A 211 -1.28 10.80 -40.38
CA ILE A 211 -2.37 11.43 -39.66
C ILE A 211 -2.25 11.07 -38.19
N CYS A 212 -2.24 12.07 -37.33
CA CYS A 212 -2.32 11.80 -35.91
C CYS A 212 -3.77 11.89 -35.48
N ASN A 213 -4.22 10.90 -34.70
CA ASN A 213 -5.58 10.80 -34.22
C ASN A 213 -5.54 11.12 -32.73
N VAL A 214 -6.09 12.28 -32.35
CA VAL A 214 -6.05 12.79 -30.98
C VAL A 214 -7.45 12.66 -30.39
N ASN A 215 -7.57 11.91 -29.30
CA ASN A 215 -8.83 11.76 -28.58
C ASN A 215 -8.70 12.36 -27.19
N HIS A 216 -9.64 13.25 -26.84
CA HIS A 216 -9.75 13.83 -25.50
C HIS A 216 -11.15 13.52 -24.99
N LYS A 217 -11.29 12.38 -24.31
CA LYS A 217 -12.61 11.96 -23.86
C LYS A 217 -13.29 12.94 -22.91
N PRO A 218 -12.60 13.61 -21.96
CA PRO A 218 -13.34 14.53 -21.06
C PRO A 218 -14.15 15.62 -21.77
N SER A 219 -13.73 16.04 -22.97
CA SER A 219 -14.42 17.08 -23.73
C SER A 219 -15.16 16.54 -24.95
N ASN A 220 -15.21 15.22 -25.11
CA ASN A 220 -15.82 14.58 -26.28
C ASN A 220 -15.27 15.16 -27.58
N THR A 221 -13.95 15.28 -27.63
CA THR A 221 -13.25 15.85 -28.77
C THR A 221 -12.39 14.76 -29.43
N LYS A 222 -12.46 14.69 -30.76
CA LYS A 222 -11.59 13.81 -31.54
C LYS A 222 -11.14 14.59 -32.77
N VAL A 223 -9.83 14.71 -32.93
CA VAL A 223 -9.22 15.43 -34.05
C VAL A 223 -8.33 14.46 -34.80
N ASP A 224 -8.49 14.42 -36.13
CA ASP A 224 -7.57 13.71 -37.01
C ASP A 224 -6.85 14.76 -37.84
N LYS A 225 -5.56 14.96 -37.55
CA LYS A 225 -4.78 16.00 -38.24
C LYS A 225 -3.78 15.36 -39.20
N LYS A 226 -3.95 15.66 -40.48
CA LYS A 226 -2.96 15.28 -41.48
C LYS A 226 -1.70 16.13 -41.28
N VAL A 227 -0.55 15.49 -41.28
CA VAL A 227 0.74 16.17 -41.12
C VAL A 227 1.46 16.07 -42.45
N GLU A 228 1.57 17.18 -43.14
CA GLU A 228 2.06 17.21 -44.51
C GLU A 228 3.36 18.01 -44.60
N PRO A 229 4.24 17.67 -45.55
CA PRO A 229 5.38 18.55 -45.82
C PRO A 229 4.90 19.94 -46.25
N LYS A 230 5.62 20.96 -45.78
CA LYS A 230 5.31 22.35 -46.08
C LYS A 230 3.91 22.72 -45.61
N ASP B 1 7.07 9.10 10.40
CA ASP B 1 6.85 7.93 9.57
C ASP B 1 8.15 7.14 9.39
N ILE B 2 8.06 5.85 9.08
CA ILE B 2 9.24 5.13 8.62
C ILE B 2 9.53 5.53 7.18
N VAL B 3 10.78 5.88 6.90
CA VAL B 3 11.19 6.36 5.59
C VAL B 3 11.82 5.20 4.83
N MET B 4 11.38 5.02 3.58
CA MET B 4 11.91 4.01 2.67
C MET B 4 12.74 4.71 1.59
N THR B 5 13.97 4.23 1.36
CA THR B 5 14.88 4.86 0.40
C THR B 5 15.50 3.80 -0.50
N GLN B 6 15.47 4.03 -1.82
CA GLN B 6 16.23 3.22 -2.76
C GLN B 6 17.58 3.87 -3.00
N SER B 7 18.64 3.16 -2.64
CA SER B 7 20.01 3.66 -2.78
C SER B 7 20.77 2.85 -3.84
N PRO B 8 20.84 3.33 -5.10
CA PRO B 8 21.44 2.58 -6.22
C PRO B 8 22.93 2.35 -6.04
N ALA B 12 22.25 0.37 -14.02
CA ALA B 12 21.65 -0.15 -15.25
C ALA B 12 22.30 -1.47 -15.65
N VAL B 13 21.50 -2.38 -16.21
CA VAL B 13 21.91 -3.76 -16.44
C VAL B 13 21.57 -4.17 -17.88
N SER B 14 22.42 -4.97 -18.51
CA SER B 14 22.12 -5.42 -19.85
C SER B 14 21.06 -6.52 -19.84
N LEU B 15 20.39 -6.67 -20.99
CA LEU B 15 19.37 -7.69 -21.15
C LEU B 15 19.92 -9.08 -20.84
N GLY B 16 19.11 -9.89 -20.17
CA GLY B 16 19.52 -11.22 -19.77
C GLY B 16 20.49 -11.27 -18.61
N GLU B 17 20.93 -10.12 -18.09
CA GLU B 17 21.79 -10.07 -16.94
C GLU B 17 20.95 -9.92 -15.67
N ARG B 18 21.60 -9.96 -14.53
CA ARG B 18 20.89 -9.85 -13.27
C ARG B 18 20.83 -8.38 -12.84
N ALA B 19 19.64 -7.95 -12.42
CA ALA B 19 19.43 -6.61 -11.92
C ALA B 19 19.05 -6.68 -10.46
N THR B 20 19.47 -5.67 -9.70
CA THR B 20 19.09 -5.59 -8.30
C THR B 20 18.62 -4.19 -7.96
N ILE B 21 17.70 -4.13 -7.01
CA ILE B 21 17.23 -2.87 -6.48
C ILE B 21 17.40 -2.95 -4.98
N ASN B 22 18.00 -1.92 -4.39
CA ASN B 22 18.25 -1.89 -2.95
C ASN B 22 17.30 -0.92 -2.30
N CYS B 23 16.78 -1.29 -1.12
CA CYS B 23 15.88 -0.45 -0.36
CA CYS B 23 15.90 -0.43 -0.36
C CYS B 23 16.32 -0.46 1.10
N LYS B 24 16.31 0.70 1.73
CA LYS B 24 16.62 0.82 3.15
C LYS B 24 15.44 1.43 3.88
N SER B 25 15.14 0.92 5.06
CA SER B 25 14.16 1.55 5.92
C SER B 25 14.87 2.31 7.03
N SER B 26 14.22 3.35 7.54
CA SER B 26 14.86 4.22 8.51
C SER B 26 14.91 3.61 9.90
N GLN B 27 14.11 2.57 10.14
CA GLN B 27 14.26 1.75 11.34
C GLN B 27 13.88 0.34 10.94
N SER B 28 14.22 -0.61 11.80
CA SER B 28 13.94 -2.00 11.50
C SER B 28 12.46 -2.19 11.23
N VAL B 29 12.17 -2.92 10.16
CA VAL B 29 10.81 -3.37 9.90
C VAL B 29 10.68 -4.87 10.10
N THR B 30 11.57 -5.44 10.88
CA THR B 30 11.55 -6.85 11.23
C THR B 30 11.04 -6.91 12.67
N PHE B 31 10.01 -7.71 12.89
CA PHE B 31 9.41 -7.82 14.20
C PHE B 31 9.08 -9.28 14.43
N ASN B 32 9.63 -9.84 15.49
CA ASN B 32 9.38 -11.22 15.89
C ASN B 32 9.48 -12.14 14.67
N TYR B 33 10.60 -11.98 13.95
CA TYR B 33 11.08 -12.87 12.90
C TYR B 33 10.26 -12.79 11.61
N LYS B 34 9.48 -11.74 11.42
CA LYS B 34 8.82 -11.48 10.16
C LYS B 34 9.31 -10.14 9.62
N ASN B 35 9.56 -10.06 8.32
CA ASN B 35 10.01 -8.82 7.69
C ASN B 35 8.84 -8.16 6.98
N TYR B 36 8.45 -6.98 7.46
CA TYR B 36 7.24 -6.32 6.97
C TYR B 36 7.54 -5.44 5.76
N LEU B 37 7.94 -6.10 4.67
CA LEU B 37 8.51 -5.45 3.49
C LEU B 37 7.92 -6.16 2.28
N ALA B 38 7.28 -5.40 1.41
CA ALA B 38 6.77 -5.95 0.15
C ALA B 38 7.35 -5.17 -1.03
N TRP B 39 7.43 -5.86 -2.17
CA TRP B 39 7.90 -5.24 -3.41
C TRP B 39 6.80 -5.26 -4.44
N TYR B 40 6.71 -4.17 -5.21
CA TYR B 40 5.69 -3.98 -6.24
C TYR B 40 6.34 -3.48 -7.51
N GLN B 41 5.75 -3.85 -8.64
CA GLN B 41 6.11 -3.33 -9.95
C GLN B 41 4.97 -2.48 -10.47
N GLN B 42 5.30 -1.37 -11.13
CA GLN B 42 4.27 -0.54 -11.74
C GLN B 42 4.70 -0.14 -13.14
N LYS B 43 3.86 -0.48 -14.11
CA LYS B 43 3.98 -0.10 -15.51
C LYS B 43 3.08 1.09 -15.80
N PRO B 44 3.39 1.86 -16.85
CA PRO B 44 2.58 3.06 -17.15
C PRO B 44 1.10 2.74 -17.31
N GLY B 45 0.27 3.57 -16.67
CA GLY B 45 -1.17 3.47 -16.82
C GLY B 45 -1.81 2.36 -16.01
N GLN B 46 -1.04 1.64 -15.20
CA GLN B 46 -1.50 0.48 -14.47
C GLN B 46 -1.25 0.68 -13.00
N PRO B 47 -2.00 -0.02 -12.14
CA PRO B 47 -1.71 -0.01 -10.74
C PRO B 47 -0.41 -0.74 -10.43
N PRO B 48 0.13 -0.52 -9.24
CA PRO B 48 1.19 -1.40 -8.74
C PRO B 48 0.67 -2.83 -8.67
N LYS B 49 1.60 -3.77 -8.84
CA LYS B 49 1.33 -5.21 -8.80
C LYS B 49 2.29 -5.83 -7.81
N LEU B 50 1.75 -6.62 -6.89
CA LEU B 50 2.58 -7.27 -5.88
C LEU B 50 3.56 -8.26 -6.52
N LEU B 51 4.84 -8.17 -6.13
CA LEU B 51 5.85 -9.12 -6.58
C LEU B 51 6.27 -10.08 -5.46
N ILE B 52 6.62 -9.52 -4.30
CA ILE B 52 7.24 -10.25 -3.20
C ILE B 52 6.63 -9.74 -1.91
N TYR B 53 6.32 -10.64 -0.96
CA TYR B 53 5.84 -10.21 0.35
C TYR B 53 6.57 -10.98 1.45
N TRP B 54 6.45 -10.46 2.69
CA TRP B 54 7.28 -10.90 3.82
C TRP B 54 8.76 -10.99 3.40
N ALA B 55 9.19 -9.99 2.64
CA ALA B 55 10.55 -9.78 2.14
C ALA B 55 11.01 -10.77 1.09
N SER B 56 10.61 -12.04 1.19
CA SER B 56 11.20 -13.06 0.32
C SER B 56 10.23 -14.07 -0.27
N THR B 57 8.92 -13.95 -0.03
CA THR B 57 7.97 -14.89 -0.63
C THR B 57 7.46 -14.30 -1.93
N ARG B 58 7.76 -14.97 -3.04
CA ARG B 58 7.26 -14.51 -4.32
C ARG B 58 5.77 -14.72 -4.46
N GLU B 59 5.09 -13.71 -4.99
CA GLU B 59 3.66 -13.77 -5.21
C GLU B 59 3.34 -14.73 -6.36
N SER B 60 2.20 -15.39 -6.21
CA SER B 60 1.70 -16.26 -7.25
C SER B 60 1.61 -15.55 -8.59
N GLY B 61 1.97 -16.26 -9.65
CA GLY B 61 1.92 -15.73 -11.00
C GLY B 61 3.08 -14.83 -11.38
N VAL B 62 3.95 -14.49 -10.43
CA VAL B 62 5.12 -13.66 -10.74
C VAL B 62 6.21 -14.57 -11.29
N PRO B 63 6.87 -14.18 -12.39
CA PRO B 63 7.91 -15.03 -12.97
C PRO B 63 9.01 -15.32 -11.97
N ASP B 64 9.60 -16.51 -12.09
CA ASP B 64 10.49 -16.93 -11.01
C ASP B 64 11.86 -16.29 -11.08
N ARG B 65 12.12 -15.47 -12.10
CA ARG B 65 13.32 -14.63 -12.11
C ARG B 65 13.26 -13.53 -11.05
N PHE B 66 12.09 -13.29 -10.44
CA PHE B 66 11.96 -12.30 -9.37
C PHE B 66 12.13 -12.96 -8.02
N SER B 67 12.94 -12.34 -7.15
CA SER B 67 13.07 -12.79 -5.77
C SER B 67 13.43 -11.63 -4.88
N GLY B 68 13.22 -11.80 -3.58
CA GLY B 68 13.53 -10.77 -2.62
C GLY B 68 14.34 -11.34 -1.46
N SER B 69 15.17 -10.48 -0.88
CA SER B 69 15.97 -10.87 0.28
C SER B 69 16.16 -9.67 1.21
N GLY B 70 16.82 -9.93 2.34
CA GLY B 70 17.18 -8.89 3.30
C GLY B 70 16.40 -9.03 4.59
N SER B 71 16.73 -8.15 5.54
CA SER B 71 16.07 -8.14 6.85
C SER B 71 16.48 -6.87 7.59
N GLY B 72 15.71 -6.55 8.64
CA GLY B 72 15.99 -5.39 9.46
C GLY B 72 15.75 -4.10 8.70
N THR B 73 16.81 -3.48 8.19
CA THR B 73 16.68 -2.23 7.45
C THR B 73 17.13 -2.33 6.00
N ASP B 74 17.63 -3.47 5.54
CA ASP B 74 18.28 -3.56 4.23
C ASP B 74 17.67 -4.70 3.43
N PHE B 75 17.08 -4.37 2.28
CA PHE B 75 16.33 -5.31 1.46
C PHE B 75 16.72 -5.19 0.00
N THR B 76 16.60 -6.28 -0.72
CA THR B 76 16.95 -6.27 -2.12
C THR B 76 15.93 -7.04 -2.93
N LEU B 77 15.62 -6.51 -4.12
CA LEU B 77 14.85 -7.19 -5.14
C LEU B 77 15.85 -7.57 -6.22
N THR B 78 15.90 -8.86 -6.58
CA THR B 78 16.79 -9.37 -7.62
C THR B 78 15.96 -9.91 -8.76
N ILE B 79 16.27 -9.45 -9.97
CA ILE B 79 15.71 -9.99 -11.20
C ILE B 79 16.85 -10.76 -11.86
N SER B 80 16.73 -12.08 -11.92
CA SER B 80 17.88 -12.89 -12.28
C SER B 80 18.22 -12.74 -13.76
N SER B 81 17.25 -12.43 -14.60
CA SER B 81 17.53 -12.36 -16.04
C SER B 81 16.71 -11.20 -16.57
N LEU B 82 17.34 -10.04 -16.65
CA LEU B 82 16.59 -8.82 -16.92
C LEU B 82 15.99 -8.91 -18.31
N GLN B 83 14.72 -8.52 -18.41
CA GLN B 83 14.00 -8.62 -19.67
C GLN B 83 13.35 -7.27 -19.96
N ALA B 84 13.09 -7.03 -21.26
CA ALA B 84 12.51 -5.75 -21.66
C ALA B 84 11.22 -5.46 -20.91
N GLU B 85 10.35 -6.46 -20.75
CA GLU B 85 9.08 -6.26 -20.07
C GLU B 85 9.25 -5.98 -18.57
N ASP B 86 10.46 -6.13 -18.03
CA ASP B 86 10.78 -5.83 -16.63
C ASP B 86 11.15 -4.38 -16.40
N VAL B 87 11.31 -3.57 -17.44
CA VAL B 87 11.62 -2.17 -17.28
C VAL B 87 10.38 -1.46 -16.75
N ALA B 88 10.52 -0.83 -15.58
CA ALA B 88 9.35 -0.41 -14.81
C ALA B 88 9.81 0.35 -13.57
N VAL B 89 8.86 0.98 -12.90
CA VAL B 89 9.09 1.51 -11.56
C VAL B 89 8.83 0.40 -10.56
N TYR B 90 9.68 0.32 -9.54
CA TYR B 90 9.53 -0.65 -8.47
C TYR B 90 9.36 0.08 -7.13
N TYR B 91 8.53 -0.48 -6.27
CA TYR B 91 8.30 0.12 -4.96
C TYR B 91 8.62 -0.91 -3.89
N CYS B 92 9.31 -0.46 -2.86
CA CYS B 92 9.44 -1.23 -1.64
C CYS B 92 8.56 -0.58 -0.59
N GLN B 93 7.71 -1.38 0.06
CA GLN B 93 6.75 -0.86 1.01
C GLN B 93 7.06 -1.45 2.37
N GLN B 94 7.12 -0.62 3.39
CA GLN B 94 7.06 -1.16 4.75
C GLN B 94 5.63 -1.06 5.26
N HIS B 95 5.20 -2.11 5.95
CA HIS B 95 3.89 -2.08 6.58
C HIS B 95 3.98 -2.52 8.04
N TYR B 96 5.17 -2.35 8.64
CA TYR B 96 5.36 -2.60 10.07
C TYR B 96 4.64 -1.55 10.92
N ARG B 97 4.60 -0.32 10.46
CA ARG B 97 3.90 0.75 11.16
C ARG B 97 3.01 1.49 10.19
N THR B 98 1.90 2.02 10.70
CA THR B 98 1.04 2.94 9.97
C THR B 98 1.50 4.35 10.26
N PRO B 99 1.64 5.19 9.23
CA PRO B 99 1.31 4.92 7.80
C PRO B 99 2.27 3.97 7.09
N PRO B 100 1.76 2.99 6.33
CA PRO B 100 2.64 2.25 5.43
C PRO B 100 3.29 3.24 4.47
N THR B 101 4.58 3.02 4.16
CA THR B 101 5.29 3.95 3.29
C THR B 101 6.03 3.19 2.20
N PHE B 102 6.27 3.91 1.09
CA PHE B 102 6.74 3.32 -0.15
C PHE B 102 8.00 4.03 -0.60
N GLY B 103 9.03 3.27 -0.94
CA GLY B 103 10.23 3.80 -1.57
C GLY B 103 10.20 3.43 -3.03
N GLN B 104 10.80 4.29 -3.87
CA GLN B 104 10.64 4.25 -5.31
C GLN B 104 11.99 4.21 -6.00
N GLY B 105 12.06 3.47 -7.11
CA GLY B 105 13.22 3.49 -7.99
C GLY B 105 12.91 2.73 -9.26
N THR B 106 13.84 2.80 -10.21
CA THR B 106 13.54 2.33 -11.56
C THR B 106 14.62 1.38 -12.07
N VAL B 107 14.18 0.41 -12.86
CA VAL B 107 15.06 -0.53 -13.55
C VAL B 107 15.16 -0.10 -14.99
N GLU B 108 16.39 -0.11 -15.50
CA GLU B 108 16.76 0.42 -16.81
C GLU B 108 17.56 -0.64 -17.52
N ILE B 109 17.35 -0.80 -18.84
CA ILE B 109 18.24 -1.62 -19.66
C ILE B 109 19.49 -0.79 -19.96
N LYS B 110 20.66 -1.35 -19.69
CA LYS B 110 21.91 -0.71 -20.08
C LYS B 110 22.20 -1.05 -21.53
N ARG B 111 22.62 -0.05 -22.30
CA ARG B 111 23.00 -0.27 -23.68
C ARG B 111 24.18 0.62 -24.04
N THR B 112 24.66 0.47 -25.27
CA THR B 112 25.78 1.29 -25.71
C THR B 112 25.32 2.73 -25.95
N VAL B 113 26.25 3.66 -25.80
CA VAL B 113 25.93 5.08 -25.96
C VAL B 113 25.37 5.35 -27.37
N ALA B 114 24.32 6.16 -27.45
CA ALA B 114 23.76 6.56 -28.73
C ALA B 114 23.44 8.05 -28.68
N ALA B 115 24.02 8.80 -29.62
CA ALA B 115 23.75 10.22 -29.71
C ALA B 115 22.32 10.46 -30.21
N PRO B 116 21.68 11.53 -29.76
CA PRO B 116 20.35 11.86 -30.29
C PRO B 116 20.44 12.33 -31.73
N SER B 117 19.43 11.98 -32.51
CA SER B 117 19.19 12.68 -33.77
C SER B 117 18.33 13.87 -33.39
N VAL B 118 18.69 15.06 -33.86
CA VAL B 118 18.04 16.30 -33.44
C VAL B 118 17.24 16.90 -34.59
N PHE B 119 16.04 17.37 -34.28
CA PHE B 119 15.12 17.95 -35.25
C PHE B 119 14.49 19.20 -34.65
N ILE B 120 14.32 20.24 -35.44
CA ILE B 120 13.66 21.45 -34.99
C ILE B 120 12.43 21.70 -35.86
N PHE B 121 11.36 22.18 -35.22
CA PHE B 121 10.09 22.44 -35.87
C PHE B 121 9.70 23.89 -35.60
N PRO B 122 9.49 24.69 -36.63
CA PRO B 122 8.92 26.02 -36.41
C PRO B 122 7.47 25.90 -36.00
N PRO B 123 6.89 26.96 -35.44
CA PRO B 123 5.44 26.97 -35.24
C PRO B 123 4.72 26.86 -36.57
N SER B 124 3.63 26.09 -36.57
CA SER B 124 2.82 25.95 -37.76
C SER B 124 2.14 27.27 -38.10
N ASP B 125 1.73 27.39 -39.37
CA ASP B 125 0.89 28.52 -39.75
C ASP B 125 -0.44 28.48 -39.02
N GLU B 126 -0.99 27.28 -38.84
CA GLU B 126 -2.24 27.14 -38.09
C GLU B 126 -2.10 27.69 -36.67
N GLN B 127 -0.96 27.41 -36.00
CA GLN B 127 -0.80 27.92 -34.63
C GLN B 127 -0.59 29.43 -34.62
N LEU B 128 0.16 29.95 -35.60
CA LEU B 128 0.44 31.38 -35.64
C LEU B 128 -0.83 32.19 -35.82
N LYS B 129 -1.91 31.57 -36.29
CA LYS B 129 -3.18 32.28 -36.41
C LYS B 129 -3.64 32.79 -35.05
N SER B 130 -3.40 32.03 -33.99
CA SER B 130 -3.64 32.55 -32.65
C SER B 130 -2.37 33.27 -32.18
N GLY B 131 -2.34 33.70 -30.93
CA GLY B 131 -1.32 34.64 -30.53
C GLY B 131 0.00 34.04 -30.08
N THR B 132 0.17 32.72 -30.19
CA THR B 132 1.30 32.05 -29.59
C THR B 132 2.02 31.18 -30.61
N ALA B 133 3.34 31.10 -30.44
CA ALA B 133 4.23 30.32 -31.29
C ALA B 133 4.96 29.33 -30.41
N SER B 134 4.92 28.05 -30.79
CA SER B 134 5.64 27.00 -30.09
C SER B 134 6.71 26.48 -31.03
N VAL B 135 7.96 26.54 -30.58
CA VAL B 135 9.09 25.98 -31.31
C VAL B 135 9.49 24.70 -30.61
N VAL B 136 9.57 23.61 -31.35
CA VAL B 136 9.80 22.29 -30.75
C VAL B 136 11.14 21.75 -31.23
N CYS B 137 11.95 21.32 -30.28
CA CYS B 137 13.21 20.64 -30.55
C CYS B 137 13.08 19.21 -30.08
N LEU B 138 13.37 18.26 -30.96
CA LEU B 138 13.23 16.84 -30.66
C LEU B 138 14.61 16.24 -30.61
N LEU B 139 14.92 15.56 -29.51
CA LEU B 139 16.15 14.77 -29.37
C LEU B 139 15.69 13.32 -29.42
N ASN B 140 16.06 12.59 -30.47
CA ASN B 140 15.43 11.29 -30.68
C ASN B 140 16.42 10.15 -30.46
N ASN B 141 15.99 9.16 -29.66
CA ASN B 141 16.62 7.83 -29.57
C ASN B 141 18.07 7.89 -29.06
N PHE B 142 18.22 8.41 -27.86
CA PHE B 142 19.55 8.57 -27.30
C PHE B 142 19.67 7.75 -26.01
N TYR B 143 20.93 7.52 -25.63
CA TYR B 143 21.29 6.82 -24.40
C TYR B 143 22.71 7.22 -24.05
N PRO B 144 22.99 7.56 -22.77
CA PRO B 144 22.09 7.54 -21.61
C PRO B 144 21.14 8.74 -21.58
N ARG B 145 20.32 8.78 -20.53
CA ARG B 145 19.22 9.75 -20.45
CA ARG B 145 19.22 9.75 -20.45
C ARG B 145 19.72 11.19 -20.29
N GLU B 146 20.88 11.38 -19.67
CA GLU B 146 21.37 12.74 -19.44
C GLU B 146 21.56 13.49 -20.75
N ALA B 147 20.88 14.63 -20.89
CA ALA B 147 20.97 15.48 -22.07
C ALA B 147 20.63 16.90 -21.67
N LYS B 148 21.25 17.87 -22.35
CA LYS B 148 21.04 19.29 -22.09
C LYS B 148 20.67 19.96 -23.39
N VAL B 149 19.65 20.82 -23.33
CA VAL B 149 19.15 21.55 -24.49
C VAL B 149 19.16 23.02 -24.14
N GLN B 150 19.71 23.84 -25.03
CA GLN B 150 19.76 25.28 -24.85
C GLN B 150 19.11 25.95 -26.05
N TRP B 151 18.19 26.88 -25.80
CA TRP B 151 17.54 27.64 -26.85
C TRP B 151 18.28 28.96 -27.04
N LYS B 152 18.67 29.25 -28.28
CA LYS B 152 19.24 30.54 -28.63
C LYS B 152 18.41 31.18 -29.73
N VAL B 153 18.00 32.43 -29.50
CA VAL B 153 17.24 33.20 -30.47
C VAL B 153 18.08 34.41 -30.82
N ASP B 154 18.51 34.51 -32.09
CA ASP B 154 19.49 35.51 -32.51
C ASP B 154 20.71 35.50 -31.59
N ASN B 155 21.19 34.30 -31.29
CA ASN B 155 22.32 34.04 -30.40
C ASN B 155 22.07 34.49 -28.97
N ALA B 156 20.86 34.97 -28.67
CA ALA B 156 20.48 35.33 -27.31
C ALA B 156 19.97 34.08 -26.61
N LEU B 157 20.73 33.62 -25.60
CA LEU B 157 20.32 32.47 -24.81
C LEU B 157 18.97 32.73 -24.13
N GLN B 158 18.14 31.70 -24.09
CA GLN B 158 16.79 31.84 -23.54
C GLN B 158 16.75 31.22 -22.15
N SER B 159 15.84 31.73 -21.32
CA SER B 159 15.73 31.22 -19.95
C SER B 159 14.31 31.44 -19.47
N GLY B 160 13.64 30.37 -19.03
CA GLY B 160 12.35 30.47 -18.38
C GLY B 160 11.17 30.25 -19.29
N ASN B 161 11.37 30.10 -20.60
CA ASN B 161 10.25 30.00 -21.53
C ASN B 161 10.24 28.66 -22.27
N SER B 162 10.88 27.64 -21.72
CA SER B 162 10.90 26.32 -22.34
C SER B 162 10.54 25.26 -21.30
N GLN B 163 9.94 24.18 -21.78
CA GLN B 163 9.60 23.02 -20.98
C GLN B 163 10.09 21.78 -21.70
N GLU B 164 10.67 20.84 -20.95
CA GLU B 164 11.16 19.58 -21.49
C GLU B 164 10.28 18.42 -21.03
N SER B 165 10.18 17.41 -21.90
CA SER B 165 9.47 16.19 -21.56
C SER B 165 10.27 15.03 -22.14
N VAL B 166 10.31 13.91 -21.42
CA VAL B 166 11.11 12.75 -21.81
C VAL B 166 10.22 11.51 -21.77
N THR B 167 10.41 10.62 -22.75
CA THR B 167 9.69 9.35 -22.78
C THR B 167 10.31 8.34 -21.81
N GLU B 168 9.55 7.30 -21.52
CA GLU B 168 10.11 6.13 -20.88
C GLU B 168 11.06 5.43 -21.84
N GLN B 169 11.89 4.55 -21.28
CA GLN B 169 12.85 3.83 -22.11
C GLN B 169 12.14 3.00 -23.18
N ASP B 170 12.63 3.07 -24.41
CA ASP B 170 11.97 2.41 -25.53
C ASP B 170 12.17 0.91 -25.44
N SER B 171 11.09 0.14 -25.63
CA SER B 171 11.20 -1.30 -25.47
C SER B 171 11.95 -1.95 -26.61
N LYS B 172 12.02 -1.31 -27.78
CA LYS B 172 12.69 -1.91 -28.92
C LYS B 172 14.19 -1.71 -28.86
N ASP B 173 14.65 -0.48 -28.58
CA ASP B 173 16.08 -0.22 -28.60
C ASP B 173 16.64 0.40 -27.33
N SER B 174 15.85 0.48 -26.25
CA SER B 174 16.35 0.91 -24.94
C SER B 174 16.83 2.36 -24.92
N THR B 175 16.34 3.20 -25.81
CA THR B 175 16.73 4.61 -25.83
C THR B 175 15.67 5.48 -25.17
N TYR B 176 16.02 6.75 -25.04
CA TYR B 176 15.11 7.80 -24.60
C TYR B 176 14.91 8.79 -25.73
N SER B 177 13.81 9.52 -25.67
CA SER B 177 13.62 10.68 -26.52
C SER B 177 13.14 11.83 -25.65
N LEU B 178 13.34 13.03 -26.16
CA LEU B 178 13.07 14.21 -25.33
C LEU B 178 12.56 15.31 -26.23
N SER B 179 11.57 16.05 -25.75
CA SER B 179 11.10 17.23 -26.43
C SER B 179 11.44 18.45 -25.60
N SER B 180 11.89 19.51 -26.25
CA SER B 180 12.02 20.81 -25.61
C SER B 180 11.17 21.78 -26.41
N THR B 181 10.24 22.44 -25.74
CA THR B 181 9.29 23.32 -26.41
C THR B 181 9.52 24.74 -25.92
N LEU B 182 9.82 25.64 -26.86
CA LEU B 182 10.01 27.05 -26.57
C LEU B 182 8.72 27.77 -26.89
N THR B 183 8.25 28.57 -25.93
CA THR B 183 6.98 29.27 -26.05
C THR B 183 7.23 30.76 -26.05
N LEU B 184 6.86 31.42 -27.15
CA LEU B 184 6.95 32.86 -27.29
C LEU B 184 5.60 33.38 -27.76
N SER B 185 5.38 34.67 -27.57
CA SER B 185 4.26 35.30 -28.24
C SER B 185 4.54 35.42 -29.74
N LYS B 186 3.46 35.49 -30.51
CA LYS B 186 3.60 35.69 -31.94
C LYS B 186 4.39 36.96 -32.24
N ALA B 187 4.13 38.04 -31.50
CA ALA B 187 4.89 39.28 -31.71
C ALA B 187 6.37 39.08 -31.44
N ASP B 188 6.70 38.46 -30.31
CA ASP B 188 8.12 38.20 -30.02
C ASP B 188 8.71 37.25 -31.05
N TYR B 189 7.88 36.36 -31.61
CA TYR B 189 8.37 35.41 -32.61
C TYR B 189 8.67 36.11 -33.94
N GLU B 190 7.81 37.06 -34.34
CA GLU B 190 8.04 37.82 -35.56
C GLU B 190 9.19 38.83 -35.44
N LYS B 191 9.66 39.13 -34.23
CA LYS B 191 10.71 40.11 -34.05
C LYS B 191 12.11 39.50 -34.12
N HIS B 192 12.23 38.23 -34.50
CA HIS B 192 13.52 37.57 -34.55
C HIS B 192 13.57 36.64 -35.75
N LYS B 193 14.80 36.37 -36.23
CA LYS B 193 15.01 35.56 -37.43
C LYS B 193 15.49 34.15 -37.10
N VAL B 194 16.61 34.03 -36.38
CA VAL B 194 17.24 32.74 -36.16
C VAL B 194 16.67 32.10 -34.90
N TYR B 195 16.27 30.84 -35.02
CA TYR B 195 15.83 30.03 -33.90
C TYR B 195 16.65 28.77 -33.89
N ALA B 196 17.28 28.46 -32.76
CA ALA B 196 18.22 27.35 -32.70
C ALA B 196 18.06 26.63 -31.37
N CYS B 197 18.15 25.31 -31.39
CA CYS B 197 18.33 24.55 -30.16
C CYS B 197 19.68 23.86 -30.23
N GLU B 198 20.40 23.91 -29.11
CA GLU B 198 21.75 23.38 -28.99
C GLU B 198 21.71 22.23 -28.00
N VAL B 199 22.22 21.08 -28.42
CA VAL B 199 22.06 19.83 -27.68
C VAL B 199 23.43 19.31 -27.28
N THR B 200 23.60 19.06 -26.00
CA THR B 200 24.80 18.43 -25.45
C THR B 200 24.45 17.02 -24.97
N HIS B 201 25.31 16.05 -25.32
CA HIS B 201 25.10 14.67 -24.93
C HIS B 201 26.42 13.91 -25.05
N GLN B 202 26.62 12.94 -24.15
CA GLN B 202 27.87 12.18 -24.13
C GLN B 202 28.16 11.51 -25.46
N GLY B 203 27.13 11.22 -26.26
CA GLY B 203 27.37 10.61 -27.55
C GLY B 203 27.82 11.56 -28.64
N LEU B 204 27.84 12.86 -28.35
CA LEU B 204 28.20 13.87 -29.32
C LEU B 204 29.59 14.39 -29.01
N SER B 205 30.49 14.34 -30.00
CA SER B 205 31.85 14.84 -29.78
C SER B 205 31.84 16.34 -29.51
N SER B 206 30.88 17.07 -30.06
CA SER B 206 30.67 18.47 -29.75
C SER B 206 29.17 18.76 -29.85
N PRO B 207 28.66 19.72 -29.07
CA PRO B 207 27.23 20.05 -29.12
C PRO B 207 26.73 20.26 -30.54
N VAL B 208 25.51 19.79 -30.80
CA VAL B 208 24.89 19.86 -32.11
C VAL B 208 23.80 20.92 -32.08
N THR B 209 23.78 21.77 -33.10
CA THR B 209 22.80 22.85 -33.21
C THR B 209 21.95 22.63 -34.44
N LYS B 210 20.63 22.70 -34.27
CA LYS B 210 19.67 22.70 -35.36
C LYS B 210 18.92 24.02 -35.31
N SER B 211 18.70 24.62 -36.47
CA SER B 211 18.19 25.98 -36.50
C SER B 211 17.41 26.23 -37.78
N PHE B 212 16.61 27.29 -37.74
CA PHE B 212 15.86 27.73 -38.91
C PHE B 212 15.70 29.25 -38.84
N ASN B 213 15.58 29.87 -40.00
CA ASN B 213 15.23 31.29 -40.11
C ASN B 213 13.73 31.41 -40.35
N ARG B 214 13.07 32.19 -39.50
CA ARG B 214 11.63 32.40 -39.60
C ARG B 214 11.25 32.81 -41.03
N GLY B 215 10.33 32.06 -41.62
CA GLY B 215 9.91 32.30 -42.99
C GLY B 215 10.54 31.35 -43.99
N LYS C 6 12.83 -31.24 37.61
CA LYS C 6 12.24 -31.78 36.39
C LYS C 6 11.31 -32.95 36.70
N GLN C 7 11.05 -33.16 37.99
CA GLN C 7 10.15 -34.24 38.40
C GLN C 7 8.71 -33.92 38.05
N ASP C 8 8.31 -32.66 38.26
CA ASP C 8 6.94 -32.21 38.05
C ASP C 8 6.96 -30.90 37.26
N PRO C 9 7.42 -30.94 36.00
CA PRO C 9 7.60 -29.69 35.26
C PRO C 9 6.32 -28.89 35.05
N ALA C 10 5.17 -29.55 34.93
CA ALA C 10 3.91 -28.86 34.68
C ALA C 10 3.21 -28.48 35.98
N ASN C 11 3.83 -28.75 37.12
CA ASN C 11 3.30 -28.36 38.42
C ASN C 11 1.91 -28.96 38.65
N LYS C 12 1.80 -30.27 38.42
CA LYS C 12 0.56 -30.95 38.78
C LYS C 12 0.36 -31.00 40.30
N LYS C 13 1.44 -30.82 41.07
CA LYS C 13 1.33 -30.86 42.53
C LYS C 13 0.54 -29.66 43.07
N ARG C 14 0.50 -28.55 42.35
CA ARG C 14 -0.13 -27.33 42.88
C ARG C 14 -1.58 -27.59 43.29
N TYR C 15 -2.37 -28.21 42.42
CA TYR C 15 -3.79 -28.41 42.67
C TYR C 15 -4.18 -29.86 42.91
N ALA C 16 -3.19 -30.75 43.10
CA ALA C 16 -3.52 -32.17 43.25
C ALA C 16 -4.42 -32.41 44.45
N GLU C 17 -4.06 -31.87 45.62
CA GLU C 17 -4.92 -32.05 46.79
C GLU C 17 -6.27 -31.39 46.58
N ALA C 18 -6.27 -30.18 46.02
CA ALA C 18 -7.55 -29.49 45.77
C ALA C 18 -8.44 -30.29 44.84
N ASN C 19 -7.86 -30.90 43.79
CA ASN C 19 -8.67 -31.72 42.88
C ASN C 19 -9.25 -32.93 43.62
N LYS C 20 -8.46 -33.55 44.50
CA LYS C 20 -8.97 -34.69 45.27
C LYS C 20 -10.19 -34.32 46.09
N GLU C 21 -10.17 -33.15 46.74
CA GLU C 21 -11.30 -32.72 47.55
C GLU C 21 -12.52 -32.41 46.70
N LEU C 22 -12.33 -31.90 45.48
CA LEU C 22 -13.47 -31.69 44.59
C LEU C 22 -14.20 -32.99 44.31
N VAL C 23 -13.45 -34.08 44.05
CA VAL C 23 -14.04 -35.41 43.91
C VAL C 23 -14.86 -35.76 45.15
N ARG C 24 -14.26 -35.63 46.33
CA ARG C 24 -14.94 -36.01 47.56
C ARG C 24 -16.17 -35.15 47.83
N LYS C 25 -16.33 -34.02 47.15
CA LYS C 25 -17.51 -33.18 47.31
C LYS C 25 -18.66 -33.58 46.39
N GLY C 26 -18.39 -34.39 45.37
CA GLY C 26 -19.43 -34.93 44.52
C GLY C 26 -19.61 -34.16 43.22
N LYS C 27 -20.55 -34.66 42.42
CA LYS C 27 -20.85 -34.07 41.13
C LYS C 27 -21.38 -32.65 41.29
N GLN C 28 -20.94 -31.74 40.41
CA GLN C 28 -21.35 -30.34 40.43
C GLN C 28 -21.88 -29.98 39.05
N LYS C 29 -23.08 -29.41 39.02
CA LYS C 29 -23.66 -28.99 37.75
C LYS C 29 -23.04 -27.69 37.29
N ASN C 30 -22.83 -27.58 35.98
CA ASN C 30 -22.37 -26.32 35.36
C ASN C 30 -21.06 -25.81 35.94
N ARG C 31 -20.14 -26.72 36.26
CA ARG C 31 -18.83 -26.29 36.75
C ARG C 31 -18.07 -25.57 35.64
N VAL C 32 -17.45 -24.44 35.99
CA VAL C 32 -16.58 -23.70 35.08
C VAL C 32 -15.17 -23.72 35.66
N VAL C 33 -14.19 -24.20 34.90
CA VAL C 33 -12.80 -24.14 35.31
C VAL C 33 -12.10 -23.00 34.58
N PHE C 34 -11.39 -22.16 35.34
CA PHE C 34 -10.54 -21.10 34.77
C PHE C 34 -9.11 -21.64 34.71
N MET C 35 -8.68 -22.03 33.52
CA MET C 35 -7.34 -22.52 33.28
C MET C 35 -6.45 -21.37 32.86
N GLY C 36 -5.36 -21.11 33.58
CA GLY C 36 -4.56 -19.98 33.17
C GLY C 36 -3.24 -19.86 33.91
N ASN C 37 -2.57 -18.74 33.64
CA ASN C 37 -1.29 -18.44 34.26
C ASN C 37 -1.47 -17.35 35.33
N SER C 38 -0.54 -16.40 35.39
CA SER C 38 -0.55 -15.41 36.46
C SER C 38 -1.86 -14.63 36.52
N ILE C 39 -2.43 -14.27 35.35
CA ILE C 39 -3.68 -13.49 35.34
C ILE C 39 -4.77 -14.23 36.12
N THR C 40 -4.85 -15.53 35.93
CA THR C 40 -5.90 -16.34 36.53
C THR C 40 -5.64 -16.59 38.00
N GLU C 41 -4.39 -16.89 38.36
CA GLU C 41 -4.07 -17.04 39.78
C GLU C 41 -4.34 -15.76 40.55
N GLY C 42 -3.99 -14.61 39.96
CA GLY C 42 -4.18 -13.37 40.66
C GLY C 42 -5.64 -13.00 40.81
N TRP C 43 -6.48 -13.49 39.89
CA TRP C 43 -7.91 -13.22 39.95
C TRP C 43 -8.52 -13.85 41.19
N VAL C 44 -8.21 -15.12 41.45
CA VAL C 44 -8.69 -15.80 42.64
C VAL C 44 -8.15 -15.12 43.88
N ALA C 45 -6.88 -14.71 43.83
CA ALA C 45 -6.29 -14.04 44.99
C ALA C 45 -7.00 -12.73 45.30
N ASN C 46 -7.35 -11.98 44.28
CA ASN C 46 -7.87 -10.64 44.53
C ASN C 46 -9.38 -10.60 44.71
N ASP C 47 -10.12 -11.56 44.19
CA ASP C 47 -11.58 -11.57 44.34
C ASP C 47 -12.06 -13.01 44.49
N PRO C 48 -11.74 -13.64 45.63
CA PRO C 48 -12.17 -15.04 45.80
C PRO C 48 -13.68 -15.19 45.76
N ALA C 49 -14.43 -14.17 46.17
CA ALA C 49 -15.89 -14.24 46.17
C ALA C 49 -16.45 -14.48 44.77
N PHE C 50 -15.83 -13.88 43.75
CA PHE C 50 -16.35 -14.07 42.39
C PHE C 50 -16.40 -15.55 42.03
N PHE C 51 -15.37 -16.30 42.42
CA PHE C 51 -15.31 -17.72 42.13
C PHE C 51 -16.21 -18.52 43.08
N GLU C 52 -16.13 -18.24 44.38
CA GLU C 52 -16.90 -19.00 45.36
C GLU C 52 -18.39 -18.80 45.13
N ASP C 53 -18.82 -17.56 44.90
CA ASP C 53 -20.26 -17.29 44.77
C ASP C 53 -20.85 -17.88 43.48
N ASN C 54 -20.03 -18.14 42.48
CA ASN C 54 -20.55 -18.62 41.21
C ASN C 54 -20.26 -20.09 40.95
N GLY C 55 -19.56 -20.76 41.85
CA GLY C 55 -19.17 -22.14 41.59
C GLY C 55 -18.14 -22.26 40.49
N TYR C 56 -17.27 -21.27 40.36
CA TYR C 56 -16.19 -21.37 39.42
C TYR C 56 -14.94 -21.87 40.13
N VAL C 57 -14.14 -22.64 39.40
CA VAL C 57 -12.96 -23.30 39.93
C VAL C 57 -11.73 -22.64 39.32
N GLY C 58 -10.90 -22.02 40.15
CA GLY C 58 -9.71 -21.37 39.65
C GLY C 58 -8.52 -22.31 39.59
N ARG C 59 -7.92 -22.48 38.40
CA ARG C 59 -6.75 -23.33 38.23
C ARG C 59 -5.63 -22.56 37.56
N GLY C 60 -5.38 -21.34 38.02
CA GLY C 60 -4.27 -20.54 37.51
C GLY C 60 -2.98 -20.85 38.27
N ILE C 61 -1.86 -20.83 37.56
CA ILE C 61 -0.54 -20.99 38.17
C ILE C 61 0.34 -19.85 37.69
N SER C 62 0.77 -18.99 38.62
CA SER C 62 1.59 -17.86 38.25
C SER C 62 2.87 -18.33 37.57
N GLY C 63 3.25 -17.61 36.52
CA GLY C 63 4.48 -17.85 35.81
C GLY C 63 4.41 -18.90 34.73
N GLN C 64 3.32 -19.66 34.62
CA GLN C 64 3.36 -20.90 33.85
C GLN C 64 3.30 -20.67 32.35
N THR C 65 4.12 -21.43 31.62
CA THR C 65 4.07 -21.39 30.15
C THR C 65 2.84 -22.13 29.63
N SER C 66 2.39 -21.74 28.43
CA SER C 66 1.29 -22.48 27.81
C SER C 66 1.66 -23.94 27.55
N SER C 67 2.95 -24.23 27.33
CA SER C 67 3.36 -25.63 27.16
C SER C 67 3.10 -26.42 28.43
N HIS C 68 3.46 -25.85 29.58
CA HIS C 68 3.22 -26.57 30.82
C HIS C 68 1.74 -26.58 31.19
N MET C 69 1.01 -25.51 30.85
CA MET C 69 -0.45 -25.50 30.99
CA MET C 69 -0.43 -25.51 31.02
C MET C 69 -1.07 -26.67 30.24
N LEU C 70 -0.63 -26.88 29.01
CA LEU C 70 -1.13 -28.00 28.23
C LEU C 70 -0.85 -29.32 28.92
N GLU C 71 0.35 -29.46 29.48
CA GLU C 71 0.75 -30.71 30.10
C GLU C 71 -0.06 -31.01 31.36
N ARG C 72 -0.60 -29.99 32.04
CA ARG C 72 -1.44 -30.28 33.20
C ARG C 72 -2.92 -30.13 32.93
N PHE C 73 -3.31 -30.02 31.66
CA PHE C 73 -4.71 -29.80 31.30
C PHE C 73 -5.56 -31.02 31.65
N GLU C 74 -5.05 -32.24 31.44
CA GLU C 74 -5.78 -33.45 31.84
C GLU C 74 -6.13 -33.42 33.33
N GLU C 75 -5.15 -33.08 34.18
CA GLU C 75 -5.36 -33.15 35.62
C GLU C 75 -6.25 -32.03 36.11
N ASP C 76 -6.03 -30.80 35.62
CA ASP C 76 -6.66 -29.64 36.22
C ASP C 76 -7.91 -29.17 35.47
N VAL C 77 -8.21 -29.74 34.30
CA VAL C 77 -9.45 -29.42 33.59
C VAL C 77 -10.23 -30.71 33.31
N ILE C 78 -9.68 -31.62 32.49
CA ILE C 78 -10.46 -32.75 32.00
C ILE C 78 -11.03 -33.56 33.16
N LYS C 79 -10.18 -33.91 34.13
CA LYS C 79 -10.61 -34.79 35.20
C LYS C 79 -11.60 -34.14 36.15
N LEU C 80 -11.75 -32.82 36.10
CA LEU C 80 -12.76 -32.13 36.89
C LEU C 80 -14.12 -32.15 36.23
N LYS C 81 -14.24 -32.77 35.05
CA LYS C 81 -15.46 -32.88 34.25
C LYS C 81 -16.29 -31.60 34.27
N PRO C 82 -15.72 -30.44 33.93
CA PRO C 82 -16.49 -29.21 33.94
C PRO C 82 -17.42 -29.14 32.73
N ALA C 83 -18.41 -28.27 32.84
CA ALA C 83 -19.21 -27.95 31.68
C ALA C 83 -18.47 -27.01 30.73
N VAL C 84 -17.65 -26.11 31.29
CA VAL C 84 -16.99 -25.05 30.54
C VAL C 84 -15.57 -24.92 31.05
N VAL C 85 -14.63 -24.65 30.15
CA VAL C 85 -13.30 -24.18 30.54
C VAL C 85 -13.04 -22.81 29.90
N VAL C 86 -12.60 -21.86 30.73
CA VAL C 86 -12.09 -20.57 30.27
C VAL C 86 -10.58 -20.69 30.17
N ILE C 87 -10.03 -20.49 28.98
CA ILE C 87 -8.60 -20.64 28.77
C ILE C 87 -7.98 -19.26 28.71
N MET C 88 -7.07 -18.99 29.65
CA MET C 88 -6.41 -17.70 29.70
C MET C 88 -4.90 -17.99 29.67
N ALA C 89 -4.33 -18.03 28.48
CA ALA C 89 -2.93 -18.44 28.28
C ALA C 89 -2.21 -17.48 27.36
N GLY C 90 -0.89 -17.42 27.53
CA GLY C 90 -0.03 -16.64 26.67
C GLY C 90 0.64 -15.47 27.34
N THR C 91 0.08 -14.99 28.44
CA THR C 91 0.64 -13.84 29.14
C THR C 91 2.06 -14.13 29.61
N ASN C 92 2.26 -15.25 30.29
CA ASN C 92 3.61 -15.54 30.78
C ASN C 92 4.52 -15.98 29.64
N ASP C 93 3.99 -16.60 28.58
CA ASP C 93 4.81 -16.85 27.40
C ASP C 93 5.40 -15.55 26.87
N ILE C 94 4.55 -14.53 26.74
CA ILE C 94 5.03 -13.24 26.25
C ILE C 94 5.98 -12.58 27.25
N ALA C 95 5.75 -12.78 28.56
CA ALA C 95 6.62 -12.20 29.58
C ALA C 95 8.03 -12.80 29.56
N GLU C 96 8.17 -14.00 29.02
CA GLU C 96 9.46 -14.67 28.84
C GLU C 96 10.17 -14.92 30.17
N ASN C 97 9.41 -15.13 31.24
CA ASN C 97 10.03 -15.43 32.51
C ASN C 97 10.64 -16.83 32.53
N ALA C 98 10.22 -17.71 31.62
CA ALA C 98 10.70 -19.08 31.57
C ALA C 98 11.51 -19.42 30.32
N GLY C 99 11.61 -18.53 29.35
CA GLY C 99 12.27 -18.82 28.10
C GLY C 99 11.76 -17.93 26.98
N PRO C 100 12.38 -18.01 25.80
CA PRO C 100 12.04 -17.09 24.71
C PRO C 100 10.62 -17.31 24.20
N TYR C 101 9.96 -16.20 23.87
CA TYR C 101 8.60 -16.26 23.33
C TYR C 101 8.61 -16.71 21.88
N ASN C 102 7.66 -17.58 21.54
CA ASN C 102 7.42 -17.96 20.15
C ASN C 102 5.91 -17.99 19.92
N GLU C 103 5.40 -17.09 19.09
CA GLU C 103 3.95 -16.96 18.94
C GLU C 103 3.32 -18.24 18.38
N GLU C 104 3.97 -18.85 17.40
CA GLU C 104 3.46 -20.07 16.79
C GLU C 104 3.30 -21.17 17.82
N GLN C 105 4.29 -21.33 18.72
CA GLN C 105 4.18 -22.36 19.74
C GLN C 105 3.09 -22.04 20.74
N THR C 106 3.05 -20.79 21.23
CA THR C 106 1.98 -20.38 22.15
C THR C 106 0.60 -20.61 21.55
N PHE C 107 0.39 -20.09 20.34
CA PHE C 107 -0.91 -20.28 19.71
C PHE C 107 -1.21 -21.76 19.50
N GLY C 108 -0.21 -22.53 19.04
CA GLY C 108 -0.42 -23.96 18.91
C GLY C 108 -0.77 -24.65 20.21
N ASN C 109 -0.22 -24.20 21.33
CA ASN C 109 -0.55 -24.81 22.60
C ASN C 109 -1.98 -24.49 23.00
N ILE C 110 -2.45 -23.27 22.72
CA ILE C 110 -3.83 -22.92 23.00
C ILE C 110 -4.76 -23.79 22.18
N VAL C 111 -4.47 -23.93 20.89
CA VAL C 111 -5.28 -24.80 20.03
C VAL C 111 -5.31 -26.23 20.60
N LYS C 112 -4.16 -26.75 21.02
CA LYS C 112 -4.11 -28.11 21.55
C LYS C 112 -5.00 -28.24 22.79
N MET C 113 -4.97 -27.24 23.67
CA MET C 113 -5.86 -27.25 24.83
C MET C 113 -7.32 -27.24 24.41
N VAL C 114 -7.66 -26.39 23.43
CA VAL C 114 -9.05 -26.39 22.91
C VAL C 114 -9.45 -27.78 22.44
N GLU C 115 -8.55 -28.47 21.75
CA GLU C 115 -8.89 -29.77 21.18
C GLU C 115 -9.04 -30.83 22.27
N LEU C 116 -8.25 -30.72 23.33
CA LEU C 116 -8.44 -31.63 24.46
C LEU C 116 -9.81 -31.43 25.09
N ALA C 117 -10.20 -30.19 25.29
CA ALA C 117 -11.50 -29.90 25.89
C ALA C 117 -12.64 -30.39 25.01
N ARG C 118 -12.56 -30.08 23.71
CA ARG C 118 -13.67 -30.45 22.85
C ARG C 118 -13.81 -31.98 22.74
N ALA C 119 -12.69 -32.71 22.75
CA ALA C 119 -12.74 -34.18 22.73
C ALA C 119 -13.41 -34.73 23.98
N ALA C 120 -13.26 -34.05 25.11
CA ALA C 120 -13.88 -34.42 26.37
C ALA C 120 -15.27 -33.83 26.53
N LYS C 121 -15.81 -33.19 25.48
CA LYS C 121 -17.15 -32.60 25.46
C LYS C 121 -17.27 -31.45 26.44
N ILE C 122 -16.18 -30.70 26.63
CA ILE C 122 -16.19 -29.51 27.46
C ILE C 122 -16.28 -28.29 26.56
N LYS C 123 -17.22 -27.40 26.85
CA LYS C 123 -17.30 -26.16 26.08
C LYS C 123 -16.16 -25.23 26.45
N VAL C 124 -15.66 -24.48 25.47
CA VAL C 124 -14.49 -23.61 25.62
C VAL C 124 -14.87 -22.16 25.45
N ILE C 125 -14.26 -21.29 26.26
CA ILE C 125 -14.27 -19.85 26.04
C ILE C 125 -12.80 -19.42 25.93
N LEU C 126 -12.45 -18.77 24.81
CA LEU C 126 -11.11 -18.26 24.59
C LEU C 126 -11.07 -16.78 24.96
N THR C 127 -9.86 -16.25 25.20
CA THR C 127 -9.78 -14.90 25.76
C THR C 127 -8.54 -14.17 25.23
N SER C 128 -8.60 -12.85 25.29
CA SER C 128 -7.47 -12.01 24.91
C SER C 128 -6.43 -11.90 26.03
N VAL C 129 -5.15 -12.00 25.67
CA VAL C 129 -4.10 -11.55 26.57
C VAL C 129 -4.31 -10.05 26.85
N LEU C 130 -4.13 -9.65 28.10
CA LEU C 130 -4.37 -8.27 28.50
C LEU C 130 -3.23 -7.34 28.07
N PRO C 131 -3.50 -6.03 27.99
CA PRO C 131 -2.40 -5.05 27.86
C PRO C 131 -1.56 -5.00 29.13
N HIS C 132 -0.34 -4.48 28.99
CA HIS C 132 0.45 -4.17 30.17
C HIS C 132 1.46 -3.09 29.84
N ALA C 133 1.94 -2.39 30.87
CA ALA C 133 2.94 -1.36 30.66
C ALA C 133 4.29 -2.00 30.35
N ALA C 134 5.01 -1.44 29.37
CA ALA C 134 6.35 -1.88 29.03
C ALA C 134 7.39 -1.04 29.75
N ALA C 135 8.40 -1.68 30.30
CA ALA C 135 9.53 -0.94 30.86
C ALA C 135 10.43 -0.43 29.72
N PRO C 136 10.74 0.87 29.67
CA PRO C 136 11.48 1.37 28.48
C PRO C 136 12.82 0.70 28.24
N TRP C 137 13.55 0.32 29.30
CA TRP C 137 14.84 -0.35 29.09
C TRP C 137 14.65 -1.68 28.35
N ASN C 138 13.46 -2.26 28.40
CA ASN C 138 13.20 -3.58 27.82
C ASN C 138 12.65 -3.46 26.39
N GLU C 139 11.52 -2.80 26.23
CA GLU C 139 10.91 -2.65 24.91
C GLU C 139 10.01 -1.45 24.96
N SER C 140 9.63 -0.96 23.76
CA SER C 140 8.69 0.14 23.77
C SER C 140 7.29 -0.35 24.05
N GLN C 141 6.43 0.59 24.43
CA GLN C 141 5.03 0.24 24.63
C GLN C 141 4.41 -0.24 23.33
N LYS C 142 4.75 0.40 22.21
CA LYS C 142 4.22 -0.06 20.93
C LYS C 142 4.64 -1.50 20.63
N GLU C 143 5.90 -1.84 20.87
CA GLU C 143 6.35 -3.21 20.63
C GLU C 143 5.60 -4.20 21.51
N ALA C 144 5.40 -3.85 22.78
CA ALA C 144 4.67 -4.74 23.68
C ALA C 144 3.25 -4.93 23.20
N THR C 145 2.60 -3.85 22.85
CA THR C 145 1.21 -3.92 22.42
C THR C 145 1.08 -4.67 21.10
N GLN C 146 2.02 -4.43 20.18
CA GLN C 146 1.94 -5.09 18.88
C GLN C 146 2.04 -6.61 19.03
N ALA C 147 2.94 -7.09 19.88
CA ALA C 147 3.05 -8.53 20.10
C ALA C 147 1.75 -9.12 20.65
N ILE C 148 1.14 -8.43 21.61
CA ILE C 148 -0.11 -8.92 22.22
C ILE C 148 -1.23 -8.94 21.19
N ILE C 149 -1.35 -7.86 20.41
CA ILE C 149 -2.37 -7.82 19.37
C ILE C 149 -2.15 -8.93 18.36
N ASN C 150 -0.90 -9.19 17.99
CA ASN C 150 -0.65 -10.22 16.99
C ASN C 150 -1.11 -11.60 17.47
N LEU C 151 -0.84 -11.94 18.73
CA LEU C 151 -1.28 -13.24 19.24
C LEU C 151 -2.79 -13.26 19.37
N ASN C 152 -3.38 -12.21 19.95
CA ASN C 152 -4.84 -12.17 20.10
C ASN C 152 -5.56 -12.29 18.75
N THR C 153 -4.99 -11.72 17.68
CA THR C 153 -5.63 -11.85 16.36
C THR C 153 -5.72 -13.29 15.92
N ARG C 154 -4.65 -14.06 16.14
CA ARG C 154 -4.71 -15.49 15.79
C ARG C 154 -5.77 -16.21 16.60
N ILE C 155 -5.87 -15.87 17.89
CA ILE C 155 -6.85 -16.55 18.75
C ILE C 155 -8.26 -16.20 18.29
N ILE C 156 -8.53 -14.92 18.03
CA ILE C 156 -9.87 -14.49 17.58
C ILE C 156 -10.25 -15.19 16.28
N ASN C 157 -9.33 -15.24 15.32
CA ASN C 157 -9.72 -15.83 14.04
C ASN C 157 -9.94 -17.33 14.16
N TYR C 158 -9.15 -17.99 15.02
CA TYR C 158 -9.39 -19.40 15.31
C TYR C 158 -10.75 -19.59 15.98
N ALA C 159 -11.09 -18.70 16.90
CA ALA C 159 -12.36 -18.81 17.59
C ALA C 159 -13.51 -18.63 16.62
N ILE C 160 -13.42 -17.65 15.70
CA ILE C 160 -14.49 -17.46 14.73
C ILE C 160 -14.62 -18.69 13.83
N GLU C 161 -13.48 -19.20 13.35
CA GLU C 161 -13.52 -20.37 12.46
C GLU C 161 -14.15 -21.59 13.10
N ASN C 162 -14.00 -21.74 14.42
CA ASN C 162 -14.46 -22.93 15.15
C ASN C 162 -15.69 -22.66 16.00
N LYS C 163 -16.32 -21.49 15.85
CA LYS C 163 -17.55 -21.15 16.56
C LYS C 163 -17.34 -21.25 18.07
N ILE C 164 -16.24 -20.71 18.55
CA ILE C 164 -15.89 -20.69 19.96
C ILE C 164 -16.02 -19.25 20.45
N PRO C 165 -16.67 -18.99 21.59
CA PRO C 165 -16.74 -17.62 22.09
C PRO C 165 -15.36 -17.09 22.44
N PHE C 166 -15.15 -15.80 22.17
CA PHE C 166 -13.92 -15.10 22.52
C PHE C 166 -14.26 -13.88 23.33
N VAL C 167 -13.62 -13.76 24.48
CA VAL C 167 -13.84 -12.59 25.35
C VAL C 167 -12.67 -11.65 25.21
N ASP C 168 -12.94 -10.45 24.67
CA ASP C 168 -11.89 -9.48 24.38
C ASP C 168 -11.77 -8.51 25.55
N TYR C 169 -11.10 -8.98 26.61
CA TYR C 169 -10.72 -8.08 27.69
C TYR C 169 -9.88 -6.93 27.19
N PHE C 170 -8.96 -7.23 26.26
CA PHE C 170 -7.98 -6.25 25.81
C PHE C 170 -8.65 -4.98 25.29
N VAL C 171 -9.64 -5.11 24.42
CA VAL C 171 -10.16 -3.90 23.80
C VAL C 171 -10.80 -2.98 24.83
N GLU C 172 -11.30 -3.52 25.94
CA GLU C 172 -11.92 -2.75 27.01
C GLU C 172 -10.91 -2.22 28.02
N MET C 173 -9.71 -2.78 28.07
CA MET C 173 -8.74 -2.43 29.09
C MET C 173 -7.49 -1.73 28.57
N ALA C 174 -7.27 -1.69 27.26
CA ALA C 174 -6.07 -1.11 26.67
C ALA C 174 -6.39 0.33 26.25
N GLN C 175 -5.55 1.26 26.67
CA GLN C 175 -5.80 2.68 26.51
C GLN C 175 -5.03 3.26 25.34
N SER C 176 -5.67 4.17 24.59
CA SER C 176 -4.94 4.97 23.62
C SER C 176 -3.89 5.83 24.32
N PRO C 177 -2.81 6.18 23.64
CA PRO C 177 -2.56 5.92 22.22
C PRO C 177 -1.82 4.63 21.94
N ASN C 178 -1.18 4.00 22.92
CA ASN C 178 -0.22 2.93 22.67
C ASN C 178 -0.62 1.60 23.27
N GLY C 179 -1.81 1.51 23.84
CA GLY C 179 -2.30 0.26 24.40
C GLY C 179 -1.86 -0.05 25.80
N ASP C 180 -1.38 0.94 26.54
CA ASP C 180 -1.05 0.73 27.95
C ASP C 180 -2.28 0.21 28.68
N LEU C 181 -2.07 -0.55 29.74
CA LEU C 181 -3.18 -0.93 30.62
C LEU C 181 -3.80 0.30 31.28
N ASN C 182 -5.13 0.41 31.21
CA ASN C 182 -5.82 1.59 31.70
C ASN C 182 -5.48 1.86 33.16
N SER C 183 -5.14 3.12 33.45
CA SER C 183 -4.70 3.47 34.80
C SER C 183 -5.75 3.21 35.88
N SER C 184 -7.05 3.16 35.52
CA SER C 184 -8.08 2.86 36.50
C SER C 184 -8.13 1.38 36.86
N TYR C 185 -7.48 0.55 36.05
CA TYR C 185 -7.62 -0.89 36.15
C TYR C 185 -6.35 -1.57 36.65
N THR C 186 -5.42 -0.81 37.23
CA THR C 186 -4.18 -1.42 37.67
C THR C 186 -3.55 -0.58 38.76
N ARG C 187 -2.80 -1.24 39.64
CA ARG C 187 -1.95 -0.57 40.62
C ARG C 187 -0.49 -0.49 40.15
N ASP C 188 0.00 -1.53 39.48
CA ASP C 188 1.41 -1.62 39.14
C ASP C 188 1.67 -1.46 37.65
N GLY C 189 0.62 -1.28 36.85
CA GLY C 189 0.74 -1.16 35.42
C GLY C 189 0.83 -2.46 34.67
N VAL C 190 0.95 -3.58 35.36
CA VAL C 190 1.18 -4.87 34.72
C VAL C 190 0.04 -5.85 34.95
N HIS C 191 -0.52 -5.88 36.17
CA HIS C 191 -1.58 -6.76 36.60
C HIS C 191 -2.84 -5.95 36.89
N PRO C 192 -4.02 -6.49 36.65
CA PRO C 192 -5.23 -5.77 37.05
C PRO C 192 -5.29 -5.59 38.56
N ASN C 193 -5.88 -4.48 38.97
CA ASN C 193 -6.32 -4.33 40.35
C ASN C 193 -7.76 -4.85 40.47
N LEU C 194 -8.38 -4.68 41.64
CA LEU C 194 -9.74 -5.18 41.80
C LEU C 194 -10.71 -4.55 40.81
N GLU C 195 -10.60 -3.24 40.56
CA GLU C 195 -11.48 -2.60 39.59
C GLU C 195 -11.32 -3.21 38.20
N GLY C 196 -10.08 -3.50 37.80
CA GLY C 196 -9.86 -4.14 36.52
C GLY C 196 -10.45 -5.54 36.48
N TYR C 197 -10.28 -6.31 37.56
CA TYR C 197 -10.89 -7.64 37.61
C TYR C 197 -12.41 -7.56 37.56
N LYS C 198 -13.02 -6.50 38.10
CA LYS C 198 -14.48 -6.41 38.03
C LYS C 198 -14.93 -6.20 36.59
N VAL C 199 -14.16 -5.44 35.81
CA VAL C 199 -14.46 -5.30 34.38
C VAL C 199 -14.40 -6.66 33.71
N MET C 200 -13.34 -7.44 34.01
CA MET C 200 -13.21 -8.79 33.47
C MET C 200 -14.33 -9.70 33.89
N GLU C 201 -14.79 -9.57 35.14
CA GLU C 201 -15.85 -10.44 35.65
C GLU C 201 -17.15 -10.24 34.88
N ALA C 202 -17.52 -8.99 34.61
CA ALA C 202 -18.76 -8.76 33.89
C ALA C 202 -18.69 -9.37 32.51
N LEU C 203 -17.52 -9.27 31.86
CA LEU C 203 -17.35 -9.80 30.51
C LEU C 203 -17.39 -11.32 30.51
N ILE C 204 -16.66 -11.95 31.44
CA ILE C 204 -16.55 -13.42 31.37
C ILE C 204 -17.85 -14.07 31.82
N LYS C 205 -18.55 -13.47 32.79
CA LYS C 205 -19.78 -14.08 33.26
C LYS C 205 -20.85 -14.01 32.19
N LYS C 206 -20.86 -12.95 31.38
CA LYS C 206 -21.83 -12.91 30.29
C LYS C 206 -21.57 -14.04 29.31
N ALA C 207 -20.29 -14.29 29.00
CA ALA C 207 -19.94 -15.34 28.05
C ALA C 207 -20.24 -16.73 28.64
N ILE C 208 -19.92 -16.91 29.93
CA ILE C 208 -20.24 -18.18 30.59
C ILE C 208 -21.75 -18.43 30.58
N ASP C 209 -22.52 -17.41 30.96
CA ASP C 209 -23.97 -17.61 31.03
C ASP C 209 -24.57 -17.90 29.65
N LYS C 210 -24.00 -17.28 28.59
CA LYS C 210 -24.44 -17.58 27.23
C LYS C 210 -24.21 -19.05 26.87
N VAL C 211 -23.05 -19.58 27.24
CA VAL C 211 -22.77 -20.99 27.02
C VAL C 211 -23.73 -21.88 27.81
N LEU C 212 -23.94 -21.57 29.09
CA LEU C 212 -24.75 -22.44 29.91
C LEU C 212 -26.23 -22.31 29.63
N LEU C 213 -26.68 -21.17 29.10
CA LEU C 213 -28.12 -20.89 29.09
C LEU C 213 -28.74 -20.79 27.72
N GLU C 214 -27.97 -20.51 26.68
CA GLU C 214 -28.52 -20.38 25.32
C GLU C 214 -28.23 -21.66 24.57
N HIS C 215 -29.31 -22.38 24.23
CA HIS C 215 -29.24 -23.72 23.64
C HIS C 215 -30.14 -23.80 22.42
N HIS C 216 -29.88 -24.82 21.61
CA HIS C 216 -30.75 -25.21 20.49
C HIS C 216 -30.88 -24.06 19.49
N HIS C 217 -29.73 -23.66 18.95
CA HIS C 217 -29.69 -22.68 17.88
C HIS C 217 -30.38 -23.26 16.66
N HIS C 218 -31.45 -22.60 16.21
CA HIS C 218 -32.26 -23.08 15.10
C HIS C 218 -31.62 -22.64 13.79
N HIS C 219 -31.22 -23.60 12.96
CA HIS C 219 -30.57 -23.27 11.71
C HIS C 219 -31.60 -23.28 10.59
N HIS C 220 -31.45 -22.33 9.65
CA HIS C 220 -32.37 -22.20 8.52
C HIS C 220 -31.66 -22.16 7.19
#